data_2R1A
#
_entry.id   2R1A
#
_cell.length_a   146.210
_cell.length_b   146.210
_cell.length_c   186.810
_cell.angle_alpha   90.00
_cell.angle_beta   90.00
_cell.angle_gamma   120.00
#
_symmetry.space_group_name_H-M   'P 32 2 1'
#
loop_
_entity.id
_entity.type
_entity.pdbx_description
1 polymer 'Protein yhbN'
2 water water
#
_entity_poly.entity_id   1
_entity_poly.type   'polypeptide(L)'
_entity_poly.pdbx_seq_one_letter_code
;AVTGDTDQPIHIESDQQSLDMQGNVVTFTGNVIVTQGTIKINADKVVVTRPGGEQGKEVIDGYGKPATFYQMQDNGKPVE
GHASQMHYELAKDFVVLTGNAYLQQVDSNIKGDKITYLVKEQKMQAFSDKGKRVTTVLVPSQLQDKNNKGQTPAQKKGN
;
_entity_poly.pdbx_strand_id   A,B,C,D,E,F,G,H
#
# COMPACT_ATOMS: atom_id res chain seq x y z
N VAL A 2 62.61 -8.66 14.88
CA VAL A 2 61.67 -8.09 15.90
C VAL A 2 61.98 -6.63 16.21
N THR A 3 60.95 -5.88 16.62
CA THR A 3 61.08 -4.47 16.98
C THR A 3 62.22 -4.23 17.96
N GLY A 4 63.27 -3.57 17.48
CA GLY A 4 64.45 -3.28 18.31
C GLY A 4 65.75 -3.75 17.70
N ASP A 5 65.65 -4.52 16.62
CA ASP A 5 66.83 -4.99 15.90
C ASP A 5 67.69 -3.81 15.46
N THR A 6 67.02 -2.78 14.96
CA THR A 6 67.65 -1.56 14.45
C THR A 6 68.53 -0.85 15.47
N ASP A 7 68.43 -1.30 16.73
CA ASP A 7 69.25 -0.77 17.82
C ASP A 7 70.48 -1.63 18.02
N GLN A 8 70.36 -2.91 17.70
CA GLN A 8 71.47 -3.86 17.84
C GLN A 8 72.66 -3.47 16.97
N PRO A 9 73.87 -3.86 17.38
CA PRO A 9 75.06 -3.69 16.55
C PRO A 9 74.92 -4.44 15.24
N ILE A 10 75.70 -4.04 14.24
CA ILE A 10 75.58 -4.58 12.88
C ILE A 10 76.74 -5.50 12.53
N HIS A 11 76.57 -6.78 12.82
CA HIS A 11 77.63 -7.78 12.64
C HIS A 11 77.83 -8.12 11.17
N ILE A 12 78.56 -7.27 10.46
CA ILE A 12 78.98 -7.55 9.10
C ILE A 12 80.14 -8.53 9.18
N GLU A 13 80.12 -9.54 8.32
CA GLU A 13 81.21 -10.50 8.24
C GLU A 13 81.31 -11.13 6.85
N SER A 14 82.53 -11.30 6.36
CA SER A 14 82.78 -11.84 5.02
C SER A 14 84.01 -12.74 4.93
N ASP A 15 84.67 -12.72 3.78
CA ASP A 15 85.95 -13.40 3.58
C ASP A 15 87.08 -12.38 3.43
N GLN A 16 86.80 -11.33 2.66
CA GLN A 16 87.77 -10.26 2.40
C GLN A 16 87.09 -8.90 2.50
N GLN A 17 87.80 -7.92 3.06
CA GLN A 17 87.27 -6.56 3.21
C GLN A 17 88.36 -5.49 3.13
N SER A 18 87.99 -4.26 2.76
CA SER A 18 88.97 -3.18 2.55
C SER A 18 88.47 -1.76 2.89
N LEU A 19 88.73 -1.34 4.13
CA LEU A 19 88.34 -0.01 4.63
C LEU A 19 89.08 1.13 3.90
N ASP A 20 88.48 2.32 3.90
CA ASP A 20 88.97 3.45 3.11
C ASP A 20 88.80 4.78 3.87
N MET A 21 89.20 5.88 3.23
CA MET A 21 88.96 7.22 3.76
C MET A 21 88.81 8.24 2.62
N ASN A 24 85.42 6.91 2.29
CA ASN A 24 84.89 6.39 3.55
C ASN A 24 84.12 5.08 3.35
N VAL A 25 84.45 4.37 2.29
CA VAL A 25 83.70 3.19 1.83
C VAL A 25 84.39 1.85 2.09
N VAL A 26 83.66 0.92 2.71
CA VAL A 26 84.19 -0.42 3.00
C VAL A 26 83.53 -1.47 2.11
N THR A 27 84.34 -2.28 1.46
CA THR A 27 83.85 -3.41 0.67
C THR A 27 83.90 -4.68 1.52
N PHE A 28 83.03 -5.63 1.21
CA PHE A 28 83.08 -6.97 1.79
C PHE A 28 82.83 -7.94 0.65
N THR A 29 83.42 -9.13 0.71
CA THR A 29 83.37 -10.04 -0.42
C THR A 29 83.40 -11.51 -0.01
N GLY A 30 82.78 -12.36 -0.84
CA GLY A 30 82.84 -13.81 -0.69
C GLY A 30 82.04 -14.35 0.47
N ASN A 31 80.84 -14.87 0.19
CA ASN A 31 79.99 -15.51 1.19
C ASN A 31 79.65 -14.55 2.34
N VAL A 32 79.30 -13.32 1.98
CA VAL A 32 79.04 -12.24 2.94
C VAL A 32 77.71 -12.43 3.68
N ILE A 33 77.77 -12.19 5.00
CA ILE A 33 76.60 -12.28 5.87
C ILE A 33 76.58 -11.09 6.81
N VAL A 34 75.70 -10.13 6.53
CA VAL A 34 75.48 -9.02 7.45
C VAL A 34 74.21 -9.24 8.26
N THR A 35 74.36 -9.31 9.58
CA THR A 35 73.23 -9.49 10.46
C THR A 35 73.02 -8.25 11.31
N GLN A 36 71.86 -8.16 11.95
CA GLN A 36 71.57 -7.17 12.98
C GLN A 36 70.33 -7.61 13.73
N GLY A 37 70.53 -8.24 14.89
CA GLY A 37 69.44 -8.77 15.69
C GLY A 37 68.90 -10.05 15.08
N THR A 38 67.85 -9.91 14.27
CA THR A 38 67.24 -11.03 13.54
C THR A 38 67.24 -10.82 12.03
N ILE A 39 67.69 -9.63 11.60
CA ILE A 39 67.96 -9.36 10.20
C ILE A 39 69.17 -10.19 9.75
N LYS A 40 69.10 -10.73 8.53
CA LYS A 40 70.18 -11.54 7.98
C LYS A 40 70.27 -11.40 6.47
N ILE A 41 70.88 -10.31 6.03
CA ILE A 41 71.13 -10.10 4.61
C ILE A 41 72.32 -10.95 4.16
N ASN A 42 72.05 -11.97 3.36
CA ASN A 42 73.10 -12.76 2.73
C ASN A 42 73.29 -12.32 1.29
N ALA A 43 74.53 -12.16 0.87
CA ALA A 43 74.85 -11.65 -0.46
C ALA A 43 76.24 -12.07 -0.92
N ASP A 44 76.74 -11.42 -1.97
CA ASP A 44 78.05 -11.71 -2.53
C ASP A 44 79.07 -10.59 -2.36
N LYS A 45 78.61 -9.34 -2.35
CA LYS A 45 79.52 -8.19 -2.27
C LYS A 45 78.95 -6.94 -1.58
N VAL A 46 78.92 -6.97 -0.25
CA VAL A 46 78.38 -5.86 0.53
C VAL A 46 79.30 -4.63 0.51
N VAL A 47 78.71 -3.45 0.52
CA VAL A 47 79.45 -2.20 0.61
C VAL A 47 78.71 -1.18 1.48
N VAL A 48 79.41 -0.60 2.45
CA VAL A 48 78.84 0.49 3.24
C VAL A 48 79.31 1.84 2.69
N THR A 49 78.62 2.91 3.08
CA THR A 49 78.96 4.26 2.63
C THR A 49 78.68 5.29 3.72
N ARG A 50 79.26 6.48 3.57
CA ARG A 50 79.04 7.57 4.52
C ARG A 50 79.10 8.94 3.83
N PRO A 51 78.01 9.30 3.13
CA PRO A 51 77.95 10.59 2.41
N LYS A 57 73.93 7.28 9.88
CA LYS A 57 74.25 7.88 8.58
C LYS A 57 74.73 6.86 7.54
N GLU A 58 75.10 5.66 8.01
CA GLU A 58 75.70 4.63 7.15
C GLU A 58 74.67 3.91 6.27
N VAL A 59 75.10 3.53 5.06
CA VAL A 59 74.20 2.94 4.07
C VAL A 59 74.74 1.63 3.49
N ILE A 60 74.08 0.52 3.84
CA ILE A 60 74.50 -0.82 3.43
C ILE A 60 73.84 -1.20 2.11
N ASP A 61 74.64 -1.69 1.17
CA ASP A 61 74.15 -2.15 -0.13
C ASP A 61 74.80 -3.48 -0.46
N GLY A 62 74.00 -4.49 -0.74
CA GLY A 62 74.50 -5.82 -1.08
C GLY A 62 74.18 -6.18 -2.51
N TYR A 63 74.90 -7.16 -3.07
CA TYR A 63 74.71 -7.55 -4.46
C TYR A 63 74.86 -9.06 -4.63
N GLY A 64 74.23 -9.59 -5.68
CA GLY A 64 74.25 -11.03 -5.95
C GLY A 64 72.99 -11.51 -6.64
N LYS A 65 73.11 -12.65 -7.32
CA LYS A 65 71.98 -13.26 -7.99
C LYS A 65 71.68 -14.65 -7.41
N PRO A 66 70.79 -14.71 -6.40
CA PRO A 66 70.14 -13.59 -5.75
C PRO A 66 70.69 -13.26 -4.35
N ALA A 67 70.47 -12.03 -3.88
CA ALA A 67 70.87 -11.63 -2.53
C ALA A 67 69.70 -11.73 -1.55
N THR A 68 69.78 -12.68 -0.63
CA THR A 68 68.67 -13.00 0.28
C THR A 68 68.49 -12.01 1.43
N PHE A 69 67.23 -11.75 1.76
CA PHE A 69 66.86 -10.90 2.90
C PHE A 69 66.05 -11.73 3.90
N TYR A 70 66.34 -11.55 5.18
CA TYR A 70 65.61 -12.21 6.25
C TYR A 70 65.41 -11.24 7.40
N GLN A 71 64.28 -11.43 8.08
CA GLN A 71 63.87 -10.60 9.21
C GLN A 71 62.75 -11.31 9.95
N MET A 72 62.95 -11.53 11.23
CA MET A 72 61.91 -12.12 12.06
C MET A 72 60.94 -11.03 12.47
N GLN A 73 59.66 -11.24 12.17
CA GLN A 73 58.62 -10.31 12.57
C GLN A 73 58.27 -10.42 14.04
N ASP A 74 57.55 -9.42 14.55
CA ASP A 74 57.12 -9.43 15.94
C ASP A 74 56.17 -10.58 16.24
N ASN A 75 55.43 -11.03 15.22
CA ASN A 75 54.39 -12.04 15.41
C ASN A 75 54.84 -13.47 15.15
N GLY A 76 56.15 -13.66 15.03
CA GLY A 76 56.72 -14.99 14.85
C GLY A 76 56.79 -15.46 13.40
N LYS A 77 56.12 -14.74 12.51
CA LYS A 77 56.12 -15.09 11.09
C LYS A 77 57.29 -14.43 10.36
N PRO A 78 58.23 -15.26 9.87
CA PRO A 78 59.46 -14.80 9.21
C PRO A 78 59.22 -14.09 7.88
N VAL A 79 60.22 -13.33 7.45
CA VAL A 79 60.15 -12.66 6.16
C VAL A 79 61.33 -13.07 5.28
N GLU A 80 61.03 -13.76 4.19
CA GLU A 80 62.04 -14.10 3.20
C GLU A 80 62.16 -12.97 2.18
N GLY A 81 62.92 -13.22 1.13
CA GLY A 81 63.11 -12.26 0.05
C GLY A 81 64.28 -12.65 -0.82
N HIS A 82 64.46 -11.93 -1.92
CA HIS A 82 65.67 -11.99 -2.74
C HIS A 82 65.62 -11.06 -3.96
N ALA A 83 66.70 -10.32 -4.16
CA ALA A 83 66.84 -9.40 -5.31
C ALA A 83 68.30 -9.24 -5.73
N SER A 84 68.52 -8.38 -6.72
CA SER A 84 69.86 -7.96 -7.10
C SER A 84 70.37 -7.07 -5.97
N GLN A 85 70.13 -5.76 -6.10
CA GLN A 85 70.55 -4.79 -5.09
C GLN A 85 69.77 -4.97 -3.77
N MET A 86 70.35 -4.49 -2.68
CA MET A 86 69.73 -4.51 -1.36
C MET A 86 70.05 -3.20 -0.64
N HIS A 87 69.38 -2.13 -1.04
CA HIS A 87 69.61 -0.80 -0.49
C HIS A 87 69.06 -0.68 0.94
N TYR A 88 69.95 -0.37 1.88
CA TYR A 88 69.59 -0.28 3.30
C TYR A 88 70.18 0.98 3.94
N GLU A 89 69.29 1.88 4.36
CA GLU A 89 69.70 3.13 5.00
C GLU A 89 69.18 3.19 6.44
N LEU A 90 70.00 2.81 7.40
CA LEU A 90 69.58 2.88 8.80
C LEU A 90 69.50 4.34 9.26
N ALA A 91 69.72 5.25 8.32
CA ALA A 91 69.43 6.66 8.51
C ALA A 91 67.95 6.83 8.86
N LYS A 92 67.10 6.11 8.14
CA LYS A 92 65.65 6.10 8.41
C LYS A 92 65.07 4.68 8.40
N ASP A 93 65.91 3.68 8.71
CA ASP A 93 65.52 2.26 8.80
C ASP A 93 64.94 1.71 7.48
N PHE A 94 65.38 2.29 6.37
CA PHE A 94 64.79 2.03 5.07
C PHE A 94 65.42 0.83 4.35
N VAL A 95 64.60 0.05 3.66
CA VAL A 95 65.05 -1.11 2.89
C VAL A 95 64.44 -1.07 1.49
N VAL A 96 65.22 -1.55 0.51
CA VAL A 96 64.81 -1.56 -0.89
C VAL A 96 65.39 -2.77 -1.61
N LEU A 97 64.52 -3.68 -2.04
CA LEU A 97 64.89 -4.72 -2.99
C LEU A 97 64.76 -4.16 -4.41
N THR A 98 65.54 -4.70 -5.34
CA THR A 98 65.53 -4.25 -6.75
C THR A 98 65.95 -5.36 -7.71
N GLY A 99 65.16 -5.56 -8.77
CA GLY A 99 65.47 -6.53 -9.82
C GLY A 99 65.15 -7.97 -9.43
N ASN A 100 64.21 -8.58 -10.16
CA ASN A 100 63.66 -9.90 -9.83
C ASN A 100 63.39 -10.06 -8.33
N ALA A 101 62.68 -9.08 -7.76
CA ALA A 101 62.46 -8.95 -6.31
C ALA A 101 61.17 -9.64 -5.84
N TYR A 102 61.23 -10.23 -4.64
CA TYR A 102 60.12 -11.05 -4.13
C TYR A 102 60.18 -11.24 -2.60
N LEU A 103 59.55 -10.30 -1.87
CA LEU A 103 59.46 -10.39 -0.42
C LEU A 103 58.32 -11.30 0.00
N GLN A 104 58.62 -12.60 0.11
CA GLN A 104 57.69 -13.58 0.65
C GLN A 104 57.43 -13.29 2.13
N GLN A 105 56.19 -13.48 2.55
CA GLN A 105 55.79 -13.22 3.93
C GLN A 105 54.52 -13.96 4.32
N VAL A 106 54.46 -15.27 4.05
CA VAL A 106 53.26 -16.09 4.31
C VAL A 106 52.61 -15.73 5.67
N ASP A 107 51.36 -15.25 5.69
CA ASP A 107 50.38 -15.22 4.57
C ASP A 107 50.78 -14.63 3.21
N SER A 108 51.33 -13.42 3.20
CA SER A 108 51.60 -12.65 1.97
C SER A 108 52.68 -13.24 1.05
N ASN A 109 52.90 -12.58 -0.10
CA ASN A 109 53.67 -13.16 -1.20
C ASN A 109 54.01 -12.16 -2.32
N ILE A 110 54.18 -10.89 -1.97
CA ILE A 110 54.55 -9.85 -2.95
C ILE A 110 55.75 -10.29 -3.79
N LYS A 111 55.75 -9.94 -5.07
CA LYS A 111 56.79 -10.39 -6.01
C LYS A 111 56.95 -9.46 -7.22
N GLY A 112 57.63 -8.33 -7.00
CA GLY A 112 57.75 -7.30 -8.04
C GLY A 112 59.13 -7.06 -8.62
N ASP A 113 59.48 -5.77 -8.70
CA ASP A 113 60.72 -5.31 -9.33
C ASP A 113 61.43 -4.24 -8.51
N LYS A 114 60.67 -3.54 -7.66
CA LYS A 114 61.24 -2.58 -6.70
C LYS A 114 60.41 -2.54 -5.40
N ILE A 115 60.78 -3.39 -4.44
CA ILE A 115 60.05 -3.50 -3.16
C ILE A 115 60.67 -2.62 -2.07
N THR A 116 59.93 -1.62 -1.62
CA THR A 116 60.43 -0.71 -0.58
C THR A 116 59.85 -1.06 0.79
N TYR A 117 60.62 -0.80 1.84
CA TYR A 117 60.30 -1.27 3.17
C TYR A 117 60.85 -0.32 4.24
N LEU A 118 59.97 0.19 5.09
CA LEU A 118 60.36 0.98 6.25
C LEU A 118 60.09 0.15 7.50
N VAL A 119 61.17 -0.28 8.17
CA VAL A 119 61.10 -1.25 9.26
C VAL A 119 60.36 -0.76 10.49
N LYS A 120 60.57 0.51 10.83
CA LYS A 120 59.97 1.11 12.01
C LYS A 120 58.47 1.35 11.83
N GLU A 121 58.05 1.57 10.59
CA GLU A 121 56.64 1.80 10.27
C GLU A 121 55.83 0.52 10.16
N GLN A 122 56.49 -0.56 9.76
CA GLN A 122 55.83 -1.82 9.46
C GLN A 122 54.92 -1.62 8.23
N LYS A 123 55.53 -1.06 7.17
CA LYS A 123 54.84 -0.78 5.91
C LYS A 123 55.69 -1.21 4.71
N MET A 124 55.04 -1.42 3.57
CA MET A 124 55.71 -1.84 2.35
C MET A 124 55.09 -1.20 1.11
N GLN A 125 55.90 -1.02 0.07
CA GLN A 125 55.43 -0.64 -1.26
C GLN A 125 56.12 -1.48 -2.32
N ALA A 126 55.56 -1.50 -3.52
CA ALA A 126 56.14 -2.23 -4.65
C ALA A 126 55.92 -1.48 -5.97
N PHE A 127 56.80 -1.72 -6.94
CA PHE A 127 56.74 -1.04 -8.24
C PHE A 127 57.13 -1.97 -9.39
N SER A 128 56.67 -1.61 -10.59
CA SER A 128 57.07 -2.29 -11.83
C SER A 128 57.20 -1.27 -12.96
N ASP A 129 58.12 -1.53 -13.88
CA ASP A 129 58.33 -0.67 -15.05
C ASP A 129 57.42 -1.15 -16.19
N LYS A 130 56.84 -0.19 -16.92
CA LYS A 130 55.75 -0.46 -17.89
C LYS A 130 56.08 -1.52 -18.95
N GLY A 131 55.81 -2.78 -18.61
CA GLY A 131 56.13 -3.93 -19.46
C GLY A 131 55.88 -5.23 -18.72
N LYS A 132 56.37 -5.30 -17.49
CA LYS A 132 56.02 -6.37 -16.56
C LYS A 132 55.20 -5.77 -15.41
N ARG A 133 54.56 -6.63 -14.63
CA ARG A 133 53.63 -6.16 -13.58
C ARG A 133 53.83 -6.81 -12.20
N VAL A 134 53.34 -6.11 -11.17
CA VAL A 134 53.43 -6.57 -9.78
C VAL A 134 52.43 -7.70 -9.50
N THR A 135 52.95 -8.82 -9.03
CA THR A 135 52.15 -9.99 -8.72
C THR A 135 52.15 -10.22 -7.21
N THR A 136 50.95 -10.36 -6.64
CA THR A 136 50.77 -10.59 -5.20
C THR A 136 49.75 -11.71 -4.99
N VAL A 137 50.07 -12.66 -4.12
CA VAL A 137 49.09 -13.68 -3.68
C VAL A 137 48.87 -13.65 -2.17
N LEU A 138 47.69 -14.06 -1.72
CA LEU A 138 47.31 -13.87 -0.31
C LEU A 138 46.98 -15.11 0.52
N VAL A 139 47.22 -16.29 -0.06
CA VAL A 139 47.05 -17.58 0.63
C VAL A 139 45.64 -17.81 1.19
N THR B 3 31.44 -22.78 -6.37
CA THR B 3 31.10 -23.19 -4.97
C THR B 3 32.31 -23.19 -4.04
N GLY B 4 33.50 -23.06 -4.62
CA GLY B 4 34.74 -23.12 -3.86
C GLY B 4 35.82 -22.22 -4.42
N ASP B 5 35.50 -20.94 -4.58
CA ASP B 5 36.46 -19.96 -5.08
C ASP B 5 37.23 -19.28 -3.96
N THR B 6 36.55 -18.92 -2.87
CA THR B 6 37.13 -18.14 -1.77
C THR B 6 38.21 -18.88 -0.94
N ASP B 7 38.17 -20.21 -0.97
CA ASP B 7 39.20 -21.03 -0.30
C ASP B 7 40.37 -21.30 -1.24
N GLN B 8 40.64 -20.34 -2.12
CA GLN B 8 41.77 -20.39 -3.05
C GLN B 8 42.62 -19.12 -2.92
N PRO B 9 43.96 -19.28 -2.97
CA PRO B 9 44.89 -18.16 -3.11
C PRO B 9 44.45 -17.13 -4.15
N ILE B 10 44.79 -15.87 -3.91
CA ILE B 10 44.22 -14.75 -4.64
C ILE B 10 45.27 -14.03 -5.47
N HIS B 11 45.29 -14.28 -6.78
CA HIS B 11 46.34 -13.73 -7.63
C HIS B 11 46.00 -12.34 -8.15
N ILE B 12 46.53 -11.32 -7.48
CA ILE B 12 46.38 -9.94 -7.94
C ILE B 12 47.53 -9.58 -8.88
N GLU B 13 47.23 -8.76 -9.88
CA GLU B 13 48.25 -8.20 -10.76
C GLU B 13 48.05 -6.69 -10.85
N SER B 14 49.05 -5.93 -10.43
CA SER B 14 48.93 -4.48 -10.35
C SER B 14 50.12 -3.73 -10.92
N ASP B 15 49.93 -2.43 -11.12
CA ASP B 15 51.03 -1.53 -11.47
C ASP B 15 51.77 -1.11 -10.21
N GLN B 16 51.03 -0.67 -9.19
CA GLN B 16 51.61 -0.32 -7.89
C GLN B 16 51.08 -1.24 -6.78
N GLN B 17 51.07 -0.76 -5.53
CA GLN B 17 50.53 -1.46 -4.34
C GLN B 17 51.15 -0.96 -3.04
N SER B 18 50.45 -1.18 -1.93
CA SER B 18 50.93 -0.81 -0.60
C SER B 18 50.43 -1.78 0.44
N LEU B 19 51.35 -2.30 1.25
CA LEU B 19 51.00 -3.21 2.33
C LEU B 19 51.26 -2.55 3.67
N ASP B 20 50.19 -2.30 4.43
CA ASP B 20 50.32 -1.80 5.79
C ASP B 20 50.27 -3.03 6.70
N MET B 21 51.44 -3.52 7.09
CA MET B 21 51.57 -4.76 7.86
C MET B 21 50.88 -4.68 9.22
N GLN B 22 50.78 -3.47 9.77
CA GLN B 22 50.09 -3.23 11.02
C GLN B 22 48.57 -3.29 10.85
N GLY B 23 48.12 -3.27 9.60
CA GLY B 23 46.70 -3.35 9.25
C GLY B 23 46.11 -4.74 9.44
N ASN B 24 45.80 -5.45 8.37
CA ASN B 24 46.23 -5.12 7.01
C ASN B 24 45.32 -4.12 6.29
N VAL B 25 45.96 -3.25 5.49
CA VAL B 25 45.26 -2.43 4.50
C VAL B 25 46.07 -2.51 3.21
N VAL B 26 46.01 -3.68 2.57
CA VAL B 26 46.78 -3.96 1.35
C VAL B 26 46.14 -3.32 0.12
N THR B 27 46.65 -2.13 -0.24
CA THR B 27 46.21 -1.41 -1.42
C THR B 27 46.77 -2.01 -2.72
N PHE B 28 46.07 -1.75 -3.82
CA PHE B 28 46.56 -2.02 -5.18
C PHE B 28 46.05 -0.91 -6.09
N THR B 29 46.89 -0.47 -7.02
CA THR B 29 46.50 0.62 -7.92
C THR B 29 47.09 0.47 -9.33
N GLY B 30 46.39 1.02 -10.31
CA GLY B 30 46.77 0.92 -11.72
C GLY B 30 46.49 -0.45 -12.30
N ASN B 31 45.70 -0.47 -13.37
CA ASN B 31 45.36 -1.70 -14.11
C ASN B 31 45.33 -2.97 -13.23
N VAL B 32 44.54 -2.90 -12.15
CA VAL B 32 44.48 -3.96 -11.15
C VAL B 32 43.49 -5.08 -11.50
N ILE B 33 44.02 -6.30 -11.62
CA ILE B 33 43.27 -7.43 -12.18
C ILE B 33 43.33 -8.65 -11.24
N VAL B 34 42.66 -8.53 -10.10
CA VAL B 34 42.65 -9.58 -9.08
C VAL B 34 41.76 -10.76 -9.48
N THR B 35 42.28 -11.98 -9.31
CA THR B 35 41.55 -13.20 -9.66
C THR B 35 41.57 -14.24 -8.55
N GLN B 36 40.49 -15.01 -8.45
CA GLN B 36 40.38 -16.10 -7.49
C GLN B 36 39.40 -17.14 -8.01
N GLY B 37 39.90 -18.37 -8.21
CA GLY B 37 39.11 -19.47 -8.78
C GLY B 37 38.57 -19.13 -10.15
N THR B 38 37.40 -18.51 -10.19
CA THR B 38 36.79 -18.03 -11.42
C THR B 38 36.64 -16.51 -11.38
N ILE B 39 36.43 -15.98 -10.17
CA ILE B 39 36.25 -14.55 -9.94
C ILE B 39 37.34 -13.71 -10.59
N LYS B 40 36.91 -12.67 -11.29
CA LYS B 40 37.83 -11.80 -12.02
C LYS B 40 37.47 -10.34 -11.76
N ILE B 41 37.60 -9.93 -10.50
CA ILE B 41 37.39 -8.52 -10.13
C ILE B 41 38.46 -7.65 -10.79
N ASN B 42 38.03 -6.80 -11.72
CA ASN B 42 38.94 -5.92 -12.45
C ASN B 42 38.61 -4.48 -12.13
N ALA B 43 39.61 -3.70 -11.72
CA ALA B 43 39.37 -2.36 -11.21
C ALA B 43 40.48 -1.36 -11.50
N ASP B 44 40.27 -0.11 -11.09
CA ASP B 44 41.28 0.94 -11.15
C ASP B 44 41.90 1.19 -9.78
N LYS B 45 41.35 0.53 -8.76
CA LYS B 45 41.85 0.61 -7.38
C LYS B 45 41.21 -0.47 -6.50
N VAL B 46 42.04 -1.39 -6.03
CA VAL B 46 41.61 -2.41 -5.06
C VAL B 46 42.26 -2.11 -3.68
N VAL B 47 41.59 -2.53 -2.61
CA VAL B 47 42.10 -2.39 -1.24
C VAL B 47 41.48 -3.46 -0.34
N VAL B 48 42.32 -4.36 0.18
CA VAL B 48 41.85 -5.46 1.02
C VAL B 48 42.22 -5.29 2.49
N THR B 49 41.23 -5.48 3.37
CA THR B 49 41.43 -5.34 4.82
C THR B 49 41.04 -6.60 5.60
N ARG B 50 41.31 -6.56 6.91
CA ARG B 50 40.79 -7.52 7.88
C ARG B 50 40.44 -6.71 9.14
N PRO B 51 39.13 -6.39 9.33
CA PRO B 51 38.72 -5.41 10.35
C PRO B 51 38.82 -5.95 11.78
N GLY B 52 39.96 -5.68 12.43
CA GLY B 52 40.23 -6.17 13.78
C GLY B 52 40.53 -7.66 13.84
N LYS B 57 38.03 -13.68 7.33
CA LYS B 57 37.22 -12.45 7.43
C LYS B 57 37.78 -11.32 6.56
N GLU B 58 38.16 -11.65 5.33
CA GLU B 58 38.75 -10.70 4.39
C GLU B 58 37.69 -9.88 3.63
N VAL B 59 38.08 -8.67 3.23
CA VAL B 59 37.16 -7.70 2.61
C VAL B 59 37.83 -7.02 1.41
N ILE B 60 37.26 -7.19 0.21
CA ILE B 60 37.79 -6.54 -0.99
C ILE B 60 36.96 -5.32 -1.40
N ASP B 61 37.62 -4.23 -1.72
CA ASP B 61 36.95 -2.99 -2.12
C ASP B 61 37.40 -2.47 -3.48
N GLY B 62 36.71 -2.92 -4.53
CA GLY B 62 36.95 -2.45 -5.90
C GLY B 62 36.49 -1.02 -6.14
N TYR B 63 37.13 -0.37 -7.10
CA TYR B 63 36.88 1.03 -7.41
C TYR B 63 37.14 1.34 -8.89
N GLY B 64 36.53 2.40 -9.38
CA GLY B 64 36.72 2.84 -10.77
C GLY B 64 35.53 2.55 -11.65
N LYS B 65 35.11 3.54 -12.42
CA LYS B 65 33.93 3.42 -13.27
C LYS B 65 34.30 3.13 -14.72
N PRO B 66 33.92 1.94 -15.22
CA PRO B 66 33.29 0.86 -14.47
C PRO B 66 34.24 -0.32 -14.14
N ALA B 67 34.16 -0.80 -12.90
CA ALA B 67 34.88 -1.99 -12.47
C ALA B 67 33.95 -3.20 -12.60
N THR B 68 34.50 -4.39 -12.77
CA THR B 68 33.69 -5.56 -13.10
C THR B 68 33.79 -6.73 -12.13
N PHE B 69 33.07 -7.80 -12.43
CA PHE B 69 32.98 -8.99 -11.59
C PHE B 69 32.67 -10.23 -12.43
N TYR B 70 33.06 -11.40 -11.95
CA TYR B 70 32.59 -12.67 -12.49
C TYR B 70 32.69 -13.78 -11.43
N GLN B 71 31.68 -14.64 -11.35
CA GLN B 71 31.80 -15.91 -10.62
C GLN B 71 30.95 -17.01 -11.25
N MET B 72 31.61 -18.12 -11.57
CA MET B 72 30.92 -19.31 -12.02
C MET B 72 30.39 -20.08 -10.81
N GLN B 73 29.07 -20.25 -10.77
CA GLN B 73 28.40 -20.96 -9.68
C GLN B 73 28.37 -22.47 -9.92
N ASP B 74 28.38 -23.24 -8.82
CA ASP B 74 28.39 -24.71 -8.86
C ASP B 74 27.46 -25.34 -9.90
N ASN B 75 26.34 -24.68 -10.19
CA ASN B 75 25.47 -25.10 -11.29
C ASN B 75 25.52 -24.13 -12.49
N GLY B 76 26.53 -24.33 -13.34
CA GLY B 76 26.65 -23.65 -14.63
C GLY B 76 26.53 -22.14 -14.67
N LYS B 77 26.21 -21.52 -13.54
CA LYS B 77 25.78 -20.12 -13.49
C LYS B 77 26.90 -19.08 -13.67
N PRO B 78 26.94 -18.43 -14.85
CA PRO B 78 28.01 -17.49 -15.19
C PRO B 78 27.65 -16.04 -14.83
N VAL B 79 27.73 -15.72 -13.55
CA VAL B 79 27.38 -14.38 -13.03
C VAL B 79 28.29 -13.29 -13.61
N GLU B 80 27.69 -12.15 -13.97
CA GLU B 80 28.42 -11.02 -14.51
C GLU B 80 28.26 -9.85 -13.53
N GLY B 81 28.21 -8.64 -14.06
CA GLY B 81 27.96 -7.45 -13.26
C GLY B 81 29.06 -6.42 -13.34
N HIS B 82 28.69 -5.16 -13.16
CA HIS B 82 29.67 -4.07 -13.08
C HIS B 82 29.15 -2.90 -12.26
N ALA B 83 30.07 -2.04 -11.81
CA ALA B 83 29.73 -0.87 -11.00
C ALA B 83 30.93 0.05 -10.75
N SER B 84 30.66 1.28 -10.30
CA SER B 84 31.70 2.23 -9.98
C SER B 84 32.31 1.99 -8.59
N GLN B 85 31.57 1.26 -7.74
CA GLN B 85 32.00 0.92 -6.38
C GLN B 85 31.72 -0.54 -6.05
N MET B 86 32.74 -1.37 -6.18
CA MET B 86 32.62 -2.81 -5.95
C MET B 86 32.91 -3.13 -4.49
N HIS B 87 32.35 -4.24 -4.01
CA HIS B 87 32.54 -4.66 -2.62
C HIS B 87 32.43 -6.17 -2.51
N TYR B 88 33.40 -6.80 -1.85
CA TYR B 88 33.30 -8.22 -1.55
C TYR B 88 33.65 -8.52 -0.11
N GLU B 89 32.92 -9.45 0.49
CA GLU B 89 33.21 -9.96 1.83
C GLU B 89 33.28 -11.47 1.78
N LEU B 90 34.50 -11.99 1.88
CA LEU B 90 34.74 -13.43 1.75
C LEU B 90 34.11 -14.23 2.90
N ALA B 91 33.91 -13.56 4.03
CA ALA B 91 33.42 -14.18 5.27
C ALA B 91 31.99 -14.71 5.19
N LYS B 92 31.12 -13.97 4.49
CA LYS B 92 29.70 -14.30 4.39
C LYS B 92 29.24 -14.48 2.93
N ASP B 93 30.20 -14.47 2.01
CA ASP B 93 29.92 -14.49 0.57
C ASP B 93 28.96 -13.38 0.17
N PHE B 94 29.36 -12.14 0.44
CA PHE B 94 28.52 -10.97 0.24
C PHE B 94 29.13 -9.99 -0.76
N VAL B 95 28.33 -9.56 -1.73
CA VAL B 95 28.79 -8.68 -2.80
C VAL B 95 27.90 -7.45 -2.90
N VAL B 96 28.51 -6.28 -3.02
CA VAL B 96 27.75 -5.03 -3.10
C VAL B 96 28.22 -4.13 -4.24
N LEU B 97 27.50 -4.21 -5.37
CA LEU B 97 27.72 -3.32 -6.49
C LEU B 97 27.16 -1.95 -6.19
N THR B 98 27.80 -0.91 -6.72
CA THR B 98 27.33 0.48 -6.56
C THR B 98 27.81 1.39 -7.72
N GLY B 99 26.89 1.74 -8.61
CA GLY B 99 27.19 2.58 -9.77
C GLY B 99 26.16 3.67 -10.02
N ASN B 100 25.54 3.73 -11.20
CA ASN B 100 25.80 2.86 -12.37
C ASN B 100 25.94 1.35 -12.09
N ALA B 101 25.09 0.85 -11.20
CA ALA B 101 25.12 -0.55 -10.81
C ALA B 101 24.36 -1.38 -11.83
N TYR B 102 24.91 -2.55 -12.16
CA TYR B 102 24.29 -3.46 -13.12
C TYR B 102 24.89 -4.85 -12.99
N LEU B 103 24.12 -5.75 -12.39
CA LEU B 103 24.44 -7.17 -12.37
C LEU B 103 23.67 -7.88 -13.49
N GLN B 104 24.21 -9.01 -13.94
CA GLN B 104 23.64 -9.77 -15.04
C GLN B 104 23.65 -11.26 -14.71
N GLN B 105 22.98 -12.08 -15.52
CA GLN B 105 23.05 -13.52 -15.35
C GLN B 105 22.82 -14.21 -16.69
N VAL B 106 22.52 -15.51 -16.66
CA VAL B 106 22.14 -16.27 -17.85
C VAL B 106 20.81 -15.74 -18.41
N ASP B 107 19.77 -15.75 -17.58
CA ASP B 107 18.45 -15.23 -17.96
C ASP B 107 18.26 -13.71 -17.73
N SER B 108 18.02 -13.32 -16.47
CA SER B 108 17.51 -11.97 -16.15
C SER B 108 18.55 -10.97 -15.65
N ASN B 109 18.54 -9.76 -16.21
CA ASN B 109 19.49 -8.71 -15.82
C ASN B 109 18.88 -7.55 -15.03
N ILE B 110 19.61 -7.07 -14.03
CA ILE B 110 19.15 -6.02 -13.12
C ILE B 110 20.07 -4.80 -13.20
N LYS B 111 19.47 -3.62 -13.29
CA LYS B 111 20.22 -2.38 -13.21
C LYS B 111 19.61 -1.53 -12.10
N GLY B 112 20.44 -0.69 -11.48
CA GLY B 112 19.98 0.19 -10.41
C GLY B 112 21.04 1.09 -9.82
N ASP B 113 20.90 1.36 -8.53
CA ASP B 113 21.83 2.21 -7.81
C ASP B 113 22.73 1.39 -6.88
N LYS B 114 22.16 0.37 -6.25
CA LYS B 114 22.91 -0.52 -5.36
C LYS B 114 22.34 -1.93 -5.39
N ILE B 115 23.19 -2.90 -5.71
CA ILE B 115 22.77 -4.30 -5.78
C ILE B 115 23.56 -5.14 -4.79
N THR B 116 22.91 -5.58 -3.72
CA THR B 116 23.52 -6.51 -2.79
C THR B 116 23.32 -7.93 -3.31
N TYR B 117 24.08 -8.88 -2.77
CA TYR B 117 24.02 -10.27 -3.23
C TYR B 117 24.65 -11.26 -2.27
N LEU B 118 23.86 -12.25 -1.85
CA LEU B 118 24.36 -13.35 -1.06
C LEU B 118 24.68 -14.53 -1.97
N VAL B 119 25.80 -14.47 -2.67
CA VAL B 119 26.27 -15.59 -3.49
C VAL B 119 26.19 -16.85 -2.68
N LYS B 120 26.32 -16.69 -1.36
CA LYS B 120 26.17 -17.76 -0.37
C LYS B 120 25.07 -18.75 -0.78
N GLU B 121 23.85 -18.22 -0.92
CA GLU B 121 22.69 -19.02 -1.29
C GLU B 121 21.78 -18.28 -2.28
N GLN B 122 22.41 -17.54 -3.19
CA GLN B 122 21.76 -16.92 -4.36
C GLN B 122 20.85 -15.71 -4.08
N LYS B 123 20.24 -15.67 -2.89
CA LYS B 123 19.30 -14.59 -2.49
C LYS B 123 19.89 -13.19 -2.68
N MET B 124 19.34 -12.45 -3.65
CA MET B 124 19.87 -11.16 -4.07
C MET B 124 18.84 -10.03 -3.93
N GLN B 125 19.30 -8.78 -4.07
CA GLN B 125 18.45 -7.60 -3.85
C GLN B 125 19.02 -6.37 -4.58
N ALA B 126 18.17 -5.42 -4.95
CA ALA B 126 18.62 -4.20 -5.62
C ALA B 126 17.79 -2.95 -5.25
N PHE B 127 18.46 -1.85 -4.97
CA PHE B 127 17.84 -0.64 -4.45
C PHE B 127 18.10 0.57 -5.35
N SER B 128 17.24 1.59 -5.28
CA SER B 128 17.41 2.80 -6.07
C SER B 128 16.99 4.05 -5.32
N ASP B 129 17.82 5.09 -5.43
CA ASP B 129 17.59 6.38 -4.75
C ASP B 129 16.27 7.02 -5.18
N LYS B 130 15.69 7.81 -4.29
CA LYS B 130 14.42 8.50 -4.52
C LYS B 130 14.51 9.44 -5.72
N GLY B 131 13.95 9.01 -6.84
CA GLY B 131 14.06 9.74 -8.10
C GLY B 131 14.55 8.84 -9.22
N LYS B 132 15.37 7.86 -8.86
CA LYS B 132 15.84 6.84 -9.81
C LYS B 132 14.95 5.60 -9.73
N ARG B 133 15.21 4.63 -10.61
CA ARG B 133 14.38 3.42 -10.67
C ARG B 133 15.17 2.18 -11.11
N VAL B 134 14.75 1.02 -10.61
CA VAL B 134 15.37 -0.26 -10.93
C VAL B 134 14.73 -0.81 -12.19
N THR B 135 15.54 -1.41 -13.06
CA THR B 135 15.04 -2.00 -14.29
C THR B 135 15.55 -3.44 -14.47
N THR B 136 14.69 -4.30 -14.98
CA THR B 136 15.02 -5.71 -15.14
C THR B 136 14.27 -6.31 -16.32
N VAL B 137 15.03 -6.96 -17.21
CA VAL B 137 14.47 -7.69 -18.33
C VAL B 137 14.57 -9.19 -18.03
N LEU B 138 13.99 -10.03 -18.88
CA LEU B 138 14.08 -11.49 -18.72
C LEU B 138 13.79 -12.28 -20.00
N VAL B 139 14.77 -12.31 -20.90
CA VAL B 139 14.67 -13.03 -22.16
C VAL B 139 14.72 -14.57 -21.97
N PRO B 140 13.88 -15.32 -22.72
CA PRO B 140 13.86 -16.79 -22.72
C PRO B 140 15.24 -17.43 -22.92
N THR C 3 -0.80 -9.12 -33.35
CA THR C 3 0.09 -8.37 -32.41
C THR C 3 0.99 -9.35 -31.66
N GLY C 4 2.13 -9.67 -32.27
CA GLY C 4 3.06 -10.68 -31.75
C GLY C 4 3.74 -10.30 -30.45
N ASP C 5 2.97 -10.24 -29.38
CA ASP C 5 3.48 -9.86 -28.06
C ASP C 5 3.92 -11.08 -27.26
N THR C 6 3.14 -12.17 -27.36
CA THR C 6 3.34 -13.42 -26.60
C THR C 6 4.80 -13.75 -26.33
N ASP C 7 5.60 -13.77 -27.39
CA ASP C 7 7.02 -14.03 -27.30
C ASP C 7 7.79 -12.72 -27.49
N GLN C 8 7.73 -11.89 -26.46
CA GLN C 8 8.47 -10.65 -26.40
C GLN C 8 9.26 -10.59 -25.11
N PRO C 9 10.45 -9.97 -25.14
CA PRO C 9 11.19 -9.67 -23.91
C PRO C 9 10.33 -8.90 -22.89
N ILE C 10 10.32 -9.37 -21.64
CA ILE C 10 9.55 -8.74 -20.57
C ILE C 10 10.39 -7.79 -19.72
N HIS C 11 9.98 -6.54 -19.64
CA HIS C 11 10.74 -5.51 -18.95
C HIS C 11 9.98 -4.99 -17.73
N ILE C 12 10.42 -5.42 -16.56
CA ILE C 12 9.78 -4.99 -15.31
C ILE C 12 10.59 -3.87 -14.67
N GLU C 13 9.97 -2.70 -14.52
CA GLU C 13 10.63 -1.58 -13.85
C GLU C 13 9.90 -1.20 -12.56
N SER C 14 10.67 -1.03 -11.48
CA SER C 14 10.13 -0.78 -10.15
C SER C 14 11.12 -0.07 -9.22
N ASP C 15 10.71 0.18 -7.98
CA ASP C 15 11.57 0.87 -7.00
C ASP C 15 12.52 -0.08 -6.27
N GLN C 16 12.11 -1.33 -6.12
CA GLN C 16 12.91 -2.32 -5.42
C GLN C 16 12.76 -3.67 -6.08
N GLN C 17 13.84 -4.44 -6.10
CA GLN C 17 13.77 -5.81 -6.55
C GLN C 17 14.26 -6.73 -5.45
N SER C 18 13.78 -7.97 -5.45
CA SER C 18 14.14 -8.93 -4.41
C SER C 18 14.12 -10.34 -4.99
N LEU C 19 15.28 -10.97 -5.05
CA LEU C 19 15.43 -12.28 -5.70
C LEU C 19 15.57 -13.42 -4.70
N ASP C 20 15.42 -14.65 -5.19
CA ASP C 20 15.56 -15.87 -4.38
C ASP C 20 15.85 -17.07 -5.29
N MET C 21 17.00 -17.05 -5.97
CA MET C 21 17.32 -18.02 -7.03
C MET C 21 17.04 -19.50 -6.73
N GLN C 22 17.08 -19.89 -5.46
CA GLN C 22 16.56 -21.18 -5.02
C GLN C 22 15.22 -20.93 -4.35
N GLY C 23 14.15 -21.36 -5.03
CA GLY C 23 12.79 -20.97 -4.65
C GLY C 23 12.16 -20.15 -5.76
N ASN C 24 13.00 -19.33 -6.42
CA ASN C 24 12.66 -18.57 -7.63
C ASN C 24 11.46 -17.64 -7.44
N VAL C 25 11.57 -16.75 -6.44
CA VAL C 25 10.47 -15.85 -6.11
C VAL C 25 10.95 -14.40 -6.24
N VAL C 26 11.09 -13.97 -7.48
CA VAL C 26 11.51 -12.59 -7.79
C VAL C 26 10.38 -11.60 -7.51
N THR C 27 10.71 -10.52 -6.80
CA THR C 27 9.73 -9.60 -6.26
C THR C 27 10.05 -8.16 -6.66
N PHE C 28 9.00 -7.43 -7.01
CA PHE C 28 9.12 -6.02 -7.37
C PHE C 28 8.14 -5.19 -6.55
N THR C 29 8.63 -4.08 -5.99
CA THR C 29 7.80 -3.14 -5.25
C THR C 29 8.11 -1.73 -5.69
N GLY C 30 7.29 -0.78 -5.24
CA GLY C 30 7.39 0.61 -5.70
C GLY C 30 6.42 0.81 -6.85
N ASN C 31 6.62 1.86 -7.63
CA ASN C 31 5.81 2.05 -8.81
C ASN C 31 6.22 1.04 -9.87
N VAL C 32 5.54 -0.10 -9.85
CA VAL C 32 5.90 -1.19 -10.75
C VAL C 32 5.19 -1.03 -12.09
N ILE C 33 5.95 -1.22 -13.17
CA ILE C 33 5.45 -1.17 -14.53
C ILE C 33 6.08 -2.31 -15.32
N VAL C 34 5.36 -3.41 -15.46
CA VAL C 34 5.81 -4.49 -16.34
C VAL C 34 5.23 -4.30 -17.72
N THR C 35 6.12 -4.17 -18.71
CA THR C 35 5.74 -4.04 -20.11
C THR C 35 6.37 -5.14 -20.94
N GLN C 36 5.54 -5.88 -21.66
CA GLN C 36 6.02 -6.88 -22.61
C GLN C 36 5.42 -6.58 -23.97
N GLY C 37 6.24 -6.02 -24.86
CA GLY C 37 5.76 -5.54 -26.16
C GLY C 37 4.84 -4.35 -25.93
N THR C 38 3.55 -4.54 -26.22
CA THR C 38 2.52 -3.50 -26.00
C THR C 38 1.73 -3.70 -24.73
N ILE C 39 1.90 -4.86 -24.10
CA ILE C 39 1.29 -5.13 -22.81
C ILE C 39 1.94 -4.23 -21.78
N LYS C 40 1.11 -3.62 -20.92
CA LYS C 40 1.60 -2.70 -19.91
C LYS C 40 0.79 -2.81 -18.61
N ILE C 41 1.32 -3.59 -17.67
CA ILE C 41 0.70 -3.71 -16.35
C ILE C 41 1.33 -2.70 -15.39
N ASN C 42 0.49 -2.01 -14.61
CA ASN C 42 0.93 -1.17 -13.51
C ASN C 42 0.35 -1.68 -12.21
N ALA C 43 1.13 -1.60 -11.13
CA ALA C 43 0.76 -2.17 -9.84
C ALA C 43 1.75 -1.76 -8.75
N ASP C 44 1.38 -2.01 -7.50
CA ASP C 44 2.24 -1.70 -6.35
C ASP C 44 3.24 -2.80 -6.05
N LYS C 45 2.86 -4.05 -6.32
CA LYS C 45 3.76 -5.18 -6.12
C LYS C 45 3.59 -6.24 -7.21
N VAL C 46 4.70 -6.63 -7.82
CA VAL C 46 4.70 -7.74 -8.77
C VAL C 46 5.56 -8.87 -8.20
N VAL C 47 5.06 -10.10 -8.30
CA VAL C 47 5.76 -11.26 -7.79
C VAL C 47 5.81 -12.33 -8.87
N VAL C 48 6.74 -12.18 -9.80
CA VAL C 48 6.95 -13.16 -10.85
C VAL C 48 7.53 -14.43 -10.22
N THR C 49 6.85 -15.55 -10.44
CA THR C 49 7.21 -16.81 -9.79
C THR C 49 7.25 -17.96 -10.78
N ARG C 50 8.16 -18.91 -10.54
CA ARG C 50 8.30 -20.07 -11.41
C ARG C 50 8.25 -21.36 -10.57
N PRO C 51 7.12 -22.11 -10.67
CA PRO C 51 6.98 -23.44 -10.08
C PRO C 51 8.03 -24.47 -10.58
N GLY C 52 8.21 -24.53 -11.89
CA GLY C 52 9.17 -25.45 -12.51
C GLY C 52 10.27 -24.74 -13.30
N GLY C 53 10.27 -24.97 -14.61
CA GLY C 53 11.27 -24.38 -15.50
C GLY C 53 10.70 -24.04 -16.87
N LYS C 57 6.90 -21.58 -17.73
CA LYS C 57 6.38 -21.97 -16.43
C LYS C 57 6.35 -20.82 -15.40
N GLU C 58 6.32 -19.58 -15.91
CA GLU C 58 6.45 -18.38 -15.06
C GLU C 58 5.12 -17.62 -14.92
N VAL C 59 4.90 -17.10 -13.71
CA VAL C 59 3.62 -16.54 -13.33
C VAL C 59 3.81 -15.16 -12.72
N ILE C 60 3.51 -14.13 -13.52
CA ILE C 60 3.61 -12.75 -13.07
C ILE C 60 2.33 -12.37 -12.32
N ASP C 61 2.49 -11.89 -11.09
CA ASP C 61 1.35 -11.55 -10.26
C ASP C 61 1.42 -10.12 -9.77
N GLY C 62 0.51 -9.29 -10.26
CA GLY C 62 0.44 -7.89 -9.85
C GLY C 62 -0.54 -7.68 -8.71
N TYR C 63 -0.32 -6.60 -7.96
CA TYR C 63 -1.16 -6.25 -6.82
C TYR C 63 -1.26 -4.74 -6.72
N GLY C 64 -2.45 -4.26 -6.41
CA GLY C 64 -2.69 -2.82 -6.30
C GLY C 64 -4.14 -2.47 -6.03
N LYS C 65 -4.36 -1.20 -5.71
CA LYS C 65 -5.68 -0.72 -5.37
C LYS C 65 -6.08 0.49 -6.24
N PRO C 66 -6.28 0.27 -7.56
CA PRO C 66 -6.23 -1.00 -8.28
C PRO C 66 -4.92 -1.22 -9.03
N ALA C 67 -4.77 -2.42 -9.60
CA ALA C 67 -3.72 -2.69 -10.57
C ALA C 67 -4.33 -2.48 -11.95
N THR C 68 -3.51 -2.08 -12.92
CA THR C 68 -4.03 -1.71 -14.25
C THR C 68 -3.52 -2.61 -15.39
N PHE C 69 -4.20 -2.57 -16.53
CA PHE C 69 -3.85 -3.41 -17.68
C PHE C 69 -3.99 -2.63 -18.99
N TYR C 70 -3.05 -2.85 -19.90
CA TYR C 70 -3.10 -2.25 -21.23
C TYR C 70 -2.43 -3.18 -22.23
N GLN C 71 -2.98 -3.19 -23.43
CA GLN C 71 -2.40 -3.87 -24.58
C GLN C 71 -2.99 -3.27 -25.85
N MET C 72 -2.20 -3.21 -26.91
CA MET C 72 -2.72 -2.73 -28.18
C MET C 72 -3.19 -3.90 -29.06
N GLN C 73 -4.48 -3.92 -29.35
CA GLN C 73 -5.09 -4.97 -30.16
C GLN C 73 -4.68 -4.88 -31.62
N ASP C 74 -4.72 -6.03 -32.31
CA ASP C 74 -4.39 -6.09 -33.73
C ASP C 74 -5.13 -5.01 -34.51
N ASN C 75 -6.40 -4.77 -34.16
CA ASN C 75 -7.27 -3.86 -34.90
C ASN C 75 -6.97 -2.38 -34.67
N GLY C 76 -5.98 -2.09 -33.85
CA GLY C 76 -5.51 -0.71 -33.64
C GLY C 76 -6.18 -0.01 -32.48
N LYS C 77 -7.22 -0.63 -31.94
CA LYS C 77 -7.90 -0.14 -30.75
C LYS C 77 -7.34 -0.86 -29.52
N PRO C 78 -6.90 -0.09 -28.51
CA PRO C 78 -6.34 -0.66 -27.29
C PRO C 78 -7.38 -1.27 -26.35
N VAL C 79 -6.92 -2.14 -25.46
CA VAL C 79 -7.72 -2.64 -24.37
C VAL C 79 -7.17 -2.13 -23.04
N GLU C 80 -8.00 -1.43 -22.29
CA GLU C 80 -7.62 -0.94 -20.96
C GLU C 80 -8.42 -1.67 -19.91
N GLY C 81 -7.77 -2.03 -18.81
CA GLY C 81 -8.43 -2.76 -17.73
C GLY C 81 -7.95 -2.39 -16.34
N HIS C 82 -8.68 -2.86 -15.33
CA HIS C 82 -8.26 -2.71 -13.95
C HIS C 82 -8.92 -3.70 -13.00
N ALA C 83 -8.17 -4.09 -11.97
CA ALA C 83 -8.64 -5.02 -10.94
C ALA C 83 -7.76 -4.90 -9.69
N SER C 84 -8.06 -5.73 -8.70
CA SER C 84 -7.28 -5.74 -7.47
C SER C 84 -6.05 -6.61 -7.62
N GLN C 85 -6.04 -7.46 -8.64
CA GLN C 85 -4.96 -8.42 -8.84
C GLN C 85 -4.80 -8.84 -10.30
N MET C 86 -3.55 -8.89 -10.77
CA MET C 86 -3.24 -9.56 -12.03
C MET C 86 -2.76 -10.97 -11.79
N HIS C 87 -3.00 -11.84 -12.77
CA HIS C 87 -2.43 -13.17 -12.76
C HIS C 87 -2.13 -13.56 -14.19
N TYR C 88 -0.94 -13.16 -14.63
CA TYR C 88 -0.47 -13.45 -15.97
C TYR C 88 0.36 -14.73 -15.95
N GLU C 89 -0.21 -15.80 -16.52
CA GLU C 89 0.52 -17.04 -16.75
C GLU C 89 1.07 -17.03 -18.16
N LEU C 90 2.39 -17.02 -18.26
CA LEU C 90 3.07 -16.96 -19.54
C LEU C 90 3.00 -18.30 -20.26
N ALA C 91 2.82 -19.37 -19.49
CA ALA C 91 2.75 -20.73 -20.01
C ALA C 91 1.59 -20.93 -20.99
N LYS C 92 0.51 -20.16 -20.80
CA LYS C 92 -0.67 -20.23 -21.65
C LYS C 92 -1.04 -18.90 -22.31
N ASP C 93 -0.27 -17.84 -22.03
CA ASP C 93 -0.57 -16.44 -22.43
C ASP C 93 -1.95 -16.06 -21.92
N PHE C 94 -2.17 -16.29 -20.63
CA PHE C 94 -3.50 -16.30 -20.04
C PHE C 94 -3.54 -15.36 -18.85
N VAL C 95 -4.39 -14.33 -18.92
CA VAL C 95 -4.46 -13.29 -17.90
C VAL C 95 -5.74 -13.40 -17.06
N VAL C 96 -5.64 -13.05 -15.78
CA VAL C 96 -6.76 -13.18 -14.85
C VAL C 96 -6.92 -11.97 -13.93
N LEU C 97 -7.89 -11.12 -14.25
CA LEU C 97 -8.20 -9.94 -13.43
C LEU C 97 -9.24 -10.32 -12.41
N THR C 98 -8.91 -10.19 -11.13
CA THR C 98 -9.80 -10.58 -10.04
C THR C 98 -9.97 -9.46 -9.04
N GLY C 99 -11.18 -9.40 -8.46
CA GLY C 99 -11.54 -8.39 -7.48
C GLY C 99 -11.77 -7.03 -8.10
N ASN C 100 -13.04 -6.63 -8.19
CA ASN C 100 -13.42 -5.38 -8.85
C ASN C 100 -12.79 -5.28 -10.23
N ALA C 101 -13.12 -6.23 -11.08
CA ALA C 101 -12.57 -6.32 -12.43
C ALA C 101 -13.35 -5.45 -13.40
N TYR C 102 -12.63 -4.81 -14.31
CA TYR C 102 -13.23 -3.99 -15.35
C TYR C 102 -12.37 -3.94 -16.59
N LEU C 103 -12.96 -4.30 -17.71
CA LEU C 103 -12.27 -4.23 -18.99
C LEU C 103 -12.96 -3.21 -19.85
N GLN C 104 -12.25 -2.75 -20.88
CA GLN C 104 -12.73 -1.67 -21.72
C GLN C 104 -12.10 -1.80 -23.09
N GLN C 105 -12.92 -2.21 -24.05
CA GLN C 105 -12.57 -2.16 -25.45
C GLN C 105 -12.97 -0.80 -26.01
N VAL C 106 -12.71 -0.56 -27.29
CA VAL C 106 -13.07 0.71 -27.91
C VAL C 106 -14.58 0.97 -27.85
N ASP C 107 -15.36 -0.08 -28.14
CA ASP C 107 -16.81 -0.05 -28.14
C ASP C 107 -17.40 -0.43 -26.77
N SER C 108 -17.09 -1.65 -26.33
CA SER C 108 -17.74 -2.28 -25.17
C SER C 108 -16.92 -2.15 -23.88
N ASN C 109 -17.61 -2.20 -22.74
CA ASN C 109 -16.93 -2.31 -21.44
C ASN C 109 -17.58 -3.24 -20.42
N ILE C 110 -16.85 -4.29 -20.05
CA ILE C 110 -17.32 -5.28 -19.08
C ILE C 110 -16.86 -4.93 -17.67
N LYS C 111 -17.64 -5.39 -16.69
CA LYS C 111 -17.32 -5.24 -15.27
C LYS C 111 -17.92 -6.41 -14.52
N GLY C 112 -17.06 -7.18 -13.86
CA GLY C 112 -17.49 -8.35 -13.08
C GLY C 112 -16.58 -8.59 -11.91
N ASP C 113 -16.42 -9.85 -11.52
CA ASP C 113 -15.56 -10.23 -10.40
C ASP C 113 -14.25 -10.85 -10.88
N LYS C 114 -14.35 -11.78 -11.83
CA LYS C 114 -13.18 -12.43 -12.40
C LYS C 114 -13.24 -12.33 -13.92
N ILE C 115 -12.26 -11.65 -14.50
CA ILE C 115 -12.14 -11.62 -15.95
C ILE C 115 -10.94 -12.44 -16.39
N THR C 116 -11.18 -13.43 -17.22
CA THR C 116 -10.09 -14.17 -17.84
C THR C 116 -9.94 -13.67 -19.25
N TYR C 117 -8.71 -13.71 -19.74
CA TYR C 117 -8.38 -13.29 -21.09
C TYR C 117 -7.24 -14.17 -21.58
N LEU C 118 -7.58 -15.07 -22.51
CA LEU C 118 -6.61 -15.89 -23.21
C LEU C 118 -6.10 -15.04 -24.37
N VAL C 119 -4.86 -14.59 -24.27
CA VAL C 119 -4.33 -13.58 -25.19
C VAL C 119 -4.12 -14.13 -26.59
N LYS C 120 -3.74 -15.40 -26.68
CA LYS C 120 -3.45 -16.06 -27.95
C LYS C 120 -4.67 -16.18 -28.86
N GLU C 121 -5.77 -16.72 -28.32
CA GLU C 121 -7.00 -16.90 -29.10
C GLU C 121 -7.78 -15.60 -29.28
N GLN C 122 -7.63 -14.71 -28.32
CA GLN C 122 -8.46 -13.51 -28.21
C GLN C 122 -9.87 -13.90 -27.81
N LYS C 123 -9.97 -14.38 -26.57
CA LYS C 123 -11.21 -14.80 -25.96
C LYS C 123 -11.25 -14.27 -24.53
N MET C 124 -12.32 -13.57 -24.18
CA MET C 124 -12.52 -13.08 -22.81
C MET C 124 -13.67 -13.80 -22.13
N GLN C 125 -13.63 -13.83 -20.79
CA GLN C 125 -14.69 -14.38 -19.98
C GLN C 125 -14.82 -13.56 -18.73
N ALA C 126 -16.06 -13.24 -18.35
CA ALA C 126 -16.33 -12.56 -17.09
C ALA C 126 -17.20 -13.44 -16.20
N PHE C 127 -17.06 -13.28 -14.89
CA PHE C 127 -17.80 -14.09 -13.91
C PHE C 127 -18.18 -13.22 -12.73
N SER C 128 -19.15 -13.70 -11.94
CA SER C 128 -19.58 -12.99 -10.74
C SER C 128 -19.81 -13.98 -9.59
N ASP C 129 -19.65 -13.48 -8.36
CA ASP C 129 -19.90 -14.28 -7.16
C ASP C 129 -21.41 -14.47 -6.96
N LYS C 130 -21.82 -15.70 -6.67
CA LYS C 130 -23.24 -16.08 -6.61
C LYS C 130 -24.09 -15.19 -5.71
N GLY C 131 -24.61 -14.11 -6.29
CA GLY C 131 -25.29 -13.05 -5.53
C GLY C 131 -24.96 -11.67 -6.06
N LYS C 132 -23.87 -11.58 -6.82
CA LYS C 132 -23.52 -10.37 -7.55
C LYS C 132 -23.76 -10.63 -9.03
N ARG C 133 -23.49 -9.62 -9.88
CA ARG C 133 -23.75 -9.74 -11.31
C ARG C 133 -22.72 -9.04 -12.21
N VAL C 134 -22.55 -9.56 -13.43
CA VAL C 134 -21.70 -8.98 -14.46
C VAL C 134 -22.47 -7.93 -15.27
N THR C 135 -21.79 -6.86 -15.65
CA THR C 135 -22.41 -5.77 -16.37
C THR C 135 -21.63 -5.45 -17.64
N THR C 136 -22.34 -5.08 -18.70
CA THR C 136 -21.74 -4.66 -19.97
C THR C 136 -22.53 -3.51 -20.59
N VAL C 137 -21.83 -2.60 -21.27
CA VAL C 137 -22.46 -1.66 -22.20
C VAL C 137 -21.83 -1.83 -23.59
N LEU C 138 -22.51 -1.32 -24.62
CA LEU C 138 -21.98 -1.37 -25.98
C LEU C 138 -22.05 -0.03 -26.73
N VAL C 139 -21.41 -0.01 -27.90
CA VAL C 139 -21.42 1.14 -28.79
C VAL C 139 -21.54 0.63 -30.23
N PRO C 140 -21.92 1.52 -31.19
CA PRO C 140 -22.22 2.94 -31.00
C PRO C 140 -23.69 3.17 -30.58
N VAL D 2 -39.39 5.51 -28.99
CA VAL D 2 -38.98 6.56 -29.95
C VAL D 2 -38.10 6.00 -31.06
N THR D 3 -38.24 6.57 -32.27
CA THR D 3 -37.42 6.16 -33.42
C THR D 3 -35.97 6.59 -33.21
N GLY D 4 -35.05 5.65 -33.43
CA GLY D 4 -33.64 5.85 -33.12
C GLY D 4 -33.29 5.29 -31.74
N ASP D 5 -34.20 4.47 -31.20
CA ASP D 5 -34.01 3.83 -29.90
C ASP D 5 -32.81 2.89 -29.94
N THR D 6 -32.53 2.37 -31.13
CA THR D 6 -31.38 1.48 -31.35
C THR D 6 -30.06 2.25 -31.39
N ASP D 7 -30.13 3.55 -31.66
CA ASP D 7 -28.93 4.39 -31.58
C ASP D 7 -28.63 4.73 -30.11
N GLN D 8 -28.80 3.74 -29.25
CA GLN D 8 -28.60 3.88 -27.81
C GLN D 8 -27.64 2.82 -27.27
N PRO D 9 -26.85 3.19 -26.25
CA PRO D 9 -25.98 2.20 -25.60
C PRO D 9 -26.80 1.11 -24.90
N ILE D 10 -26.53 -0.14 -25.25
CA ILE D 10 -27.18 -1.28 -24.63
C ILE D 10 -26.51 -1.63 -23.29
N HIS D 11 -27.32 -1.87 -22.27
CA HIS D 11 -26.83 -2.34 -20.97
C HIS D 11 -27.27 -3.79 -20.79
N ILE D 12 -26.31 -4.66 -20.48
CA ILE D 12 -26.60 -6.08 -20.32
C ILE D 12 -26.10 -6.56 -18.96
N GLU D 13 -27.01 -7.08 -18.15
CA GLU D 13 -26.67 -7.68 -16.87
C GLU D 13 -26.80 -9.20 -16.95
N SER D 14 -25.79 -9.93 -16.45
CA SER D 14 -25.83 -11.39 -16.44
C SER D 14 -24.94 -12.03 -15.38
N ASP D 15 -25.04 -13.36 -15.29
CA ASP D 15 -24.23 -14.14 -14.35
C ASP D 15 -22.86 -14.40 -14.94
N GLN D 16 -22.84 -15.04 -16.10
CA GLN D 16 -21.62 -15.30 -16.84
C GLN D 16 -21.60 -14.49 -18.13
N GLN D 17 -20.48 -14.50 -18.81
CA GLN D 17 -20.35 -13.98 -20.18
C GLN D 17 -19.08 -14.52 -20.84
N SER D 18 -19.05 -14.48 -22.17
CA SER D 18 -17.86 -14.85 -22.91
C SER D 18 -17.77 -14.04 -24.21
N LEU D 19 -16.54 -13.80 -24.66
CA LEU D 19 -16.32 -13.00 -25.86
C LEU D 19 -15.41 -13.73 -26.84
N ASP D 20 -15.66 -13.53 -28.12
CA ASP D 20 -14.77 -14.01 -29.18
C ASP D 20 -14.31 -12.84 -30.04
N MET D 21 -13.14 -12.31 -29.72
CA MET D 21 -12.59 -11.13 -30.40
C MET D 21 -12.30 -11.36 -31.88
N GLN D 22 -12.37 -12.64 -32.30
CA GLN D 22 -11.99 -13.03 -33.66
C GLN D 22 -13.15 -12.91 -34.64
N GLY D 23 -13.88 -11.79 -34.57
CA GLY D 23 -15.03 -11.54 -35.45
C GLY D 23 -16.27 -11.07 -34.71
N ASN D 24 -16.22 -11.21 -33.38
CA ASN D 24 -17.31 -10.85 -32.46
C ASN D 24 -18.43 -11.89 -32.33
N VAL D 25 -18.52 -12.48 -31.15
CA VAL D 25 -19.54 -13.45 -30.76
C VAL D 25 -19.61 -13.29 -29.25
N VAL D 26 -20.45 -12.37 -28.80
CA VAL D 26 -20.56 -12.08 -27.36
C VAL D 26 -21.73 -12.85 -26.73
N THR D 27 -21.41 -13.78 -25.84
CA THR D 27 -22.40 -14.65 -25.24
C THR D 27 -22.60 -14.34 -23.75
N PHE D 28 -23.86 -14.22 -23.35
CA PHE D 28 -24.22 -14.05 -21.94
C PHE D 28 -25.13 -15.20 -21.50
N THR D 29 -25.08 -15.55 -20.21
CA THR D 29 -25.93 -16.60 -19.65
C THR D 29 -26.38 -16.31 -18.23
N GLY D 30 -27.56 -16.85 -17.87
CA GLY D 30 -28.11 -16.71 -16.53
C GLY D 30 -28.81 -15.38 -16.31
N ASN D 31 -30.08 -15.45 -15.89
CA ASN D 31 -30.92 -14.29 -15.56
C ASN D 31 -30.61 -13.02 -16.39
N VAL D 32 -30.50 -13.20 -17.70
CA VAL D 32 -30.02 -12.16 -18.60
C VAL D 32 -31.06 -11.09 -18.86
N ILE D 33 -30.69 -9.85 -18.57
CA ILE D 33 -31.57 -8.70 -18.69
C ILE D 33 -30.83 -7.64 -19.51
N VAL D 34 -31.23 -7.49 -20.77
CA VAL D 34 -30.60 -6.56 -21.68
C VAL D 34 -31.54 -5.42 -22.05
N THR D 35 -31.13 -4.19 -21.77
CA THR D 35 -31.95 -3.01 -22.07
C THR D 35 -31.24 -2.02 -22.98
N GLN D 36 -31.94 -1.57 -24.02
CA GLN D 36 -31.44 -0.51 -24.90
C GLN D 36 -32.49 0.58 -25.08
N GLY D 37 -32.14 1.79 -24.65
CA GLY D 37 -33.06 2.93 -24.66
C GLY D 37 -34.28 2.69 -23.79
N THR D 38 -35.33 2.13 -24.41
CA THR D 38 -36.60 1.86 -23.75
C THR D 38 -36.96 0.37 -23.82
N ILE D 39 -36.31 -0.35 -24.74
CA ILE D 39 -36.49 -1.79 -24.90
C ILE D 39 -36.02 -2.50 -23.63
N LYS D 40 -36.69 -3.61 -23.32
CA LYS D 40 -36.28 -4.48 -22.23
C LYS D 40 -36.43 -5.92 -22.71
N ILE D 41 -35.39 -6.73 -22.52
CA ILE D 41 -35.39 -8.10 -22.99
C ILE D 41 -34.83 -9.03 -21.92
N ASN D 42 -35.51 -10.14 -21.71
CA ASN D 42 -35.06 -11.13 -20.73
C ASN D 42 -34.95 -12.52 -21.36
N ALA D 43 -33.85 -13.21 -21.08
CA ALA D 43 -33.60 -14.52 -21.68
C ALA D 43 -32.70 -15.37 -20.81
N ASP D 44 -32.63 -16.67 -21.15
CA ASP D 44 -31.68 -17.59 -20.52
C ASP D 44 -30.28 -17.34 -21.03
N LYS D 45 -30.14 -17.30 -22.36
CA LYS D 45 -28.87 -16.98 -23.03
C LYS D 45 -29.08 -15.90 -24.08
N VAL D 46 -28.07 -15.04 -24.26
CA VAL D 46 -28.09 -14.07 -25.36
C VAL D 46 -26.73 -14.07 -26.06
N VAL D 47 -26.75 -14.41 -27.36
CA VAL D 47 -25.59 -14.20 -28.22
C VAL D 47 -25.78 -12.90 -28.99
N VAL D 48 -24.67 -12.24 -29.32
CA VAL D 48 -24.72 -11.04 -30.13
C VAL D 48 -23.53 -10.99 -31.09
N THR D 49 -23.84 -11.14 -32.38
CA THR D 49 -22.83 -11.08 -33.43
C THR D 49 -22.91 -9.72 -34.14
N ARG D 50 -21.84 -9.34 -34.83
CA ARG D 50 -21.79 -8.08 -35.56
C ARG D 50 -20.75 -8.06 -36.71
N PRO D 51 -20.45 -9.25 -37.30
CA PRO D 51 -19.20 -9.56 -38.05
C PRO D 51 -18.43 -8.37 -38.68
N GLY D 52 -17.77 -7.58 -37.83
CA GLY D 52 -16.98 -6.41 -38.26
C GLY D 52 -17.76 -5.32 -38.99
N GLY D 53 -19.00 -5.08 -38.56
CA GLY D 53 -19.87 -4.09 -39.18
C GLY D 53 -20.32 -3.01 -38.22
N LYS D 57 -24.31 -4.16 -38.61
CA LYS D 57 -24.95 -5.46 -38.81
C LYS D 57 -25.05 -6.27 -37.51
N GLU D 58 -25.41 -5.57 -36.42
CA GLU D 58 -25.53 -6.16 -35.09
C GLU D 58 -26.79 -7.01 -34.93
N VAL D 59 -26.63 -8.22 -34.42
CA VAL D 59 -27.72 -9.18 -34.26
C VAL D 59 -27.81 -9.69 -32.81
N ILE D 60 -28.73 -9.13 -32.02
CA ILE D 60 -29.03 -9.64 -30.68
C ILE D 60 -29.91 -10.88 -30.80
N ASP D 61 -29.80 -11.80 -29.84
CA ASP D 61 -30.45 -13.10 -30.00
C ASP D 61 -30.91 -13.73 -28.68
N GLY D 62 -32.22 -13.75 -28.46
CA GLY D 62 -32.81 -14.32 -27.24
C GLY D 62 -33.01 -15.83 -27.30
N TYR D 63 -32.90 -16.47 -26.13
CA TYR D 63 -33.13 -17.91 -25.96
C TYR D 63 -33.65 -18.19 -24.55
N GLY D 64 -34.58 -19.13 -24.43
CA GLY D 64 -35.19 -19.47 -23.13
C GLY D 64 -36.68 -19.61 -23.23
N LYS D 65 -37.26 -20.50 -22.42
CA LYS D 65 -38.70 -20.75 -22.42
C LYS D 65 -39.34 -20.31 -21.09
N PRO D 66 -39.97 -19.13 -21.07
CA PRO D 66 -40.15 -18.21 -22.19
C PRO D 66 -39.00 -17.21 -22.32
N ALA D 67 -39.06 -16.36 -23.34
CA ALA D 67 -38.12 -15.26 -23.50
C ALA D 67 -38.93 -13.98 -23.77
N THR D 68 -38.79 -13.00 -22.89
CA THR D 68 -39.71 -11.85 -22.88
C THR D 68 -39.15 -10.61 -23.57
N PHE D 69 -40.00 -9.97 -24.37
CA PHE D 69 -39.67 -8.72 -25.06
C PHE D 69 -40.60 -7.60 -24.60
N TYR D 70 -40.06 -6.38 -24.49
CA TYR D 70 -40.87 -5.19 -24.23
C TYR D 70 -40.26 -3.96 -24.89
N GLN D 71 -41.11 -3.03 -25.31
CA GLN D 71 -40.69 -1.83 -26.01
C GLN D 71 -41.68 -0.69 -25.77
N MET D 72 -41.23 0.53 -25.99
CA MET D 72 -42.11 1.69 -26.05
C MET D 72 -42.14 2.25 -27.48
N GLN D 73 -43.34 2.38 -28.04
CA GLN D 73 -43.51 2.93 -29.39
C GLN D 73 -43.39 4.46 -29.40
N ASP D 74 -43.23 5.00 -30.61
CA ASP D 74 -43.09 6.44 -30.84
C ASP D 74 -44.33 7.18 -30.34
N ASN D 75 -45.49 6.57 -30.57
CA ASN D 75 -46.80 7.10 -30.20
C ASN D 75 -47.15 6.89 -28.72
N GLY D 76 -46.26 6.26 -27.97
CA GLY D 76 -46.56 5.87 -26.59
C GLY D 76 -47.40 4.61 -26.57
N LYS D 77 -46.95 3.59 -27.30
CA LYS D 77 -47.63 2.30 -27.35
C LYS D 77 -46.76 1.21 -26.72
N PRO D 78 -47.01 0.88 -25.44
CA PRO D 78 -46.25 -0.15 -24.72
C PRO D 78 -46.47 -1.55 -25.32
N VAL D 79 -45.78 -1.83 -26.42
CA VAL D 79 -45.88 -3.12 -27.12
C VAL D 79 -44.99 -4.19 -26.48
N GLU D 80 -45.62 -5.17 -25.83
CA GLU D 80 -44.90 -6.26 -25.18
C GLU D 80 -44.79 -7.48 -26.10
N GLY D 81 -44.66 -8.67 -25.51
CA GLY D 81 -44.56 -9.91 -26.29
C GLY D 81 -43.72 -11.00 -25.63
N HIS D 82 -43.57 -12.13 -26.32
CA HIS D 82 -42.69 -13.21 -25.88
C HIS D 82 -42.70 -14.43 -26.80
N ALA D 83 -41.57 -15.15 -26.82
CA ALA D 83 -41.41 -16.39 -27.58
C ALA D 83 -40.31 -17.27 -26.97
N SER D 84 -39.83 -18.24 -27.74
CA SER D 84 -38.66 -19.01 -27.33
C SER D 84 -37.37 -18.36 -27.82
N GLN D 85 -37.50 -17.37 -28.71
CA GLN D 85 -36.36 -16.64 -29.28
C GLN D 85 -36.68 -15.21 -29.75
N MET D 86 -35.95 -14.24 -29.20
CA MET D 86 -35.98 -12.88 -29.73
C MET D 86 -34.88 -12.74 -30.78
N HIS D 87 -35.03 -11.76 -31.67
CA HIS D 87 -34.12 -11.61 -32.80
C HIS D 87 -34.02 -10.16 -33.26
N TYR D 88 -33.79 -9.25 -32.32
CA TYR D 88 -33.68 -7.81 -32.62
C TYR D 88 -32.48 -7.51 -33.52
N GLU D 89 -32.75 -7.26 -34.80
CA GLU D 89 -31.71 -6.92 -35.76
C GLU D 89 -31.68 -5.42 -35.99
N LEU D 90 -30.68 -4.76 -35.41
CA LEU D 90 -30.53 -3.31 -35.52
C LEU D 90 -30.20 -2.86 -36.95
N ALA D 91 -29.77 -3.82 -37.78
CA ALA D 91 -29.43 -3.59 -39.18
C ALA D 91 -30.59 -2.92 -39.93
N LYS D 92 -31.59 -3.72 -40.28
CA LYS D 92 -32.85 -3.18 -40.81
C LYS D 92 -33.61 -2.54 -39.65
N ASP D 93 -34.50 -3.33 -39.05
CA ASP D 93 -35.11 -3.06 -37.74
C ASP D 93 -36.08 -4.20 -37.46
N PHE D 94 -35.54 -5.41 -37.54
CA PHE D 94 -36.31 -6.65 -37.57
C PHE D 94 -36.54 -7.20 -36.17
N VAL D 95 -37.58 -8.02 -36.04
CA VAL D 95 -37.82 -8.86 -34.85
C VAL D 95 -38.39 -10.19 -35.34
N VAL D 96 -37.76 -11.29 -34.95
CA VAL D 96 -38.28 -12.62 -35.28
C VAL D 96 -38.52 -13.39 -33.98
N LEU D 97 -39.79 -13.60 -33.67
CA LEU D 97 -40.21 -14.36 -32.51
C LEU D 97 -40.51 -15.79 -32.93
N THR D 98 -40.02 -16.75 -32.15
CA THR D 98 -40.15 -18.18 -32.47
C THR D 98 -39.80 -18.96 -31.21
N GLY D 99 -40.56 -20.00 -30.85
CA GLY D 99 -41.68 -20.52 -31.63
C GLY D 99 -43.04 -20.12 -31.08
N ASN D 100 -43.37 -20.61 -29.89
CA ASN D 100 -44.64 -20.23 -29.23
C ASN D 100 -44.67 -18.73 -29.00
N ALA D 101 -44.93 -18.01 -30.08
CA ALA D 101 -44.74 -16.57 -30.12
C ALA D 101 -46.03 -15.83 -29.87
N TYR D 102 -45.96 -14.87 -28.96
CA TYR D 102 -47.08 -14.01 -28.64
C TYR D 102 -46.63 -12.57 -28.77
N LEU D 103 -47.40 -11.77 -29.49
CA LEU D 103 -47.17 -10.33 -29.54
C LEU D 103 -48.41 -9.63 -28.99
N GLN D 104 -48.28 -8.35 -28.68
CA GLN D 104 -49.40 -7.58 -28.15
C GLN D 104 -49.46 -6.17 -28.76
N GLN D 105 -50.22 -5.28 -28.11
CA GLN D 105 -50.47 -3.91 -28.58
C GLN D 105 -51.52 -3.24 -27.67
N VAL D 106 -51.78 -1.96 -27.91
CA VAL D 106 -52.91 -1.26 -27.30
C VAL D 106 -54.24 -1.62 -27.99
N ASP D 107 -54.19 -2.59 -28.91
CA ASP D 107 -55.38 -3.14 -29.58
C ASP D 107 -55.19 -4.60 -30.04
N SER D 108 -54.44 -4.81 -31.12
CA SER D 108 -54.35 -6.11 -31.77
C SER D 108 -53.30 -7.04 -31.19
N ASN D 109 -53.73 -8.01 -30.39
CA ASN D 109 -52.84 -9.07 -29.93
C ASN D 109 -52.69 -10.14 -31.00
N ILE D 110 -51.57 -10.87 -30.99
CA ILE D 110 -51.36 -12.01 -31.88
C ILE D 110 -50.62 -13.13 -31.13
N LYS D 111 -50.87 -14.37 -31.54
CA LYS D 111 -50.15 -15.53 -31.02
C LYS D 111 -50.07 -16.59 -32.12
N GLY D 112 -48.84 -16.98 -32.46
CA GLY D 112 -48.63 -17.94 -33.55
C GLY D 112 -47.39 -18.80 -33.45
N ASP D 113 -46.68 -18.95 -34.57
CA ASP D 113 -45.45 -19.75 -34.65
C ASP D 113 -44.22 -18.90 -34.99
N LYS D 114 -44.44 -17.80 -35.70
CA LYS D 114 -43.37 -16.87 -36.05
C LYS D 114 -43.91 -15.47 -36.31
N ILE D 115 -43.63 -14.55 -35.40
CA ILE D 115 -44.08 -13.17 -35.53
C ILE D 115 -42.93 -12.28 -35.98
N THR D 116 -43.17 -11.44 -36.98
CA THR D 116 -42.15 -10.53 -37.49
C THR D 116 -42.58 -9.07 -37.42
N TYR D 117 -42.15 -8.39 -36.36
CA TYR D 117 -42.41 -6.96 -36.17
C TYR D 117 -41.32 -6.10 -36.82
N LEU D 118 -41.71 -4.94 -37.32
CA LEU D 118 -40.78 -4.02 -37.97
C LEU D 118 -41.05 -2.64 -37.41
N VAL D 119 -40.09 -2.10 -36.66
CA VAL D 119 -40.26 -0.80 -36.02
C VAL D 119 -40.43 0.32 -37.04
N LYS D 120 -39.61 0.28 -38.09
CA LYS D 120 -39.61 1.31 -39.14
C LYS D 120 -40.88 1.26 -39.97
N GLU D 121 -41.15 0.09 -40.55
CA GLU D 121 -42.33 -0.11 -41.41
C GLU D 121 -43.66 -0.18 -40.63
N GLN D 122 -43.57 -0.13 -39.30
CA GLN D 122 -44.74 -0.24 -38.39
C GLN D 122 -45.66 -1.41 -38.75
N LYS D 123 -45.07 -2.52 -39.19
CA LYS D 123 -45.83 -3.67 -39.70
C LYS D 123 -45.46 -4.99 -39.00
N MET D 124 -46.47 -5.85 -38.83
CA MET D 124 -46.30 -7.17 -38.20
C MET D 124 -46.55 -8.30 -39.22
N GLN D 125 -46.42 -9.54 -38.76
CA GLN D 125 -46.80 -10.72 -39.52
C GLN D 125 -46.89 -11.93 -38.60
N ALA D 126 -47.39 -13.05 -39.11
CA ALA D 126 -47.54 -14.27 -38.32
C ALA D 126 -47.67 -15.49 -39.23
N PHE D 127 -47.03 -16.58 -38.85
CA PHE D 127 -47.06 -17.82 -39.63
C PHE D 127 -47.37 -19.00 -38.70
N SER D 128 -47.78 -20.12 -39.28
CA SER D 128 -48.15 -21.31 -38.51
C SER D 128 -47.84 -22.60 -39.26
N ASP D 129 -47.39 -23.61 -38.53
CA ASP D 129 -47.16 -24.94 -39.11
C ASP D 129 -48.49 -25.62 -39.46
N LYS D 130 -48.41 -26.67 -40.29
CA LYS D 130 -49.58 -27.46 -40.67
C LYS D 130 -50.07 -28.29 -39.49
N GLY D 131 -51.26 -27.96 -38.98
CA GLY D 131 -51.80 -28.57 -37.77
C GLY D 131 -51.92 -27.57 -36.63
N LYS D 132 -51.30 -26.41 -36.81
CA LYS D 132 -51.36 -25.33 -35.83
C LYS D 132 -51.92 -24.06 -36.48
N ARG D 133 -52.55 -23.22 -35.65
CA ARG D 133 -53.26 -22.03 -36.15
C ARG D 133 -52.70 -20.71 -35.58
N VAL D 134 -53.54 -19.68 -35.55
CA VAL D 134 -53.15 -18.34 -35.12
C VAL D 134 -54.18 -17.78 -34.12
N THR D 135 -53.97 -16.56 -33.64
CA THR D 135 -54.85 -15.94 -32.63
C THR D 135 -54.82 -14.42 -32.75
N THR D 136 -56.00 -13.80 -32.61
CA THR D 136 -56.13 -12.35 -32.54
C THR D 136 -57.40 -11.99 -31.74
N VAL D 137 -57.45 -10.76 -31.24
CA VAL D 137 -58.64 -10.24 -30.57
C VAL D 137 -58.95 -8.80 -30.98
N LEU D 138 -59.64 -8.08 -30.12
CA LEU D 138 -59.92 -6.65 -30.29
C LEU D 138 -60.23 -6.03 -28.93
N VAL D 139 -60.02 -4.72 -28.81
CA VAL D 139 -60.16 -4.04 -27.51
C VAL D 139 -61.56 -3.45 -27.26
N PRO D 140 -62.16 -3.76 -26.09
CA PRO D 140 -63.46 -3.21 -25.72
C PRO D 140 -63.37 -1.76 -25.24
N ASP E 5 -41.41 58.28 30.15
CA ASP E 5 -41.59 58.42 28.67
C ASP E 5 -42.96 57.93 28.21
N THR E 6 -43.40 56.81 28.76
CA THR E 6 -44.71 56.23 28.43
C THR E 6 -45.82 56.81 29.29
N ASP E 7 -45.50 57.91 29.97
CA ASP E 7 -46.45 58.61 30.86
C ASP E 7 -46.69 60.06 30.39
N GLN E 8 -45.73 60.59 29.65
CA GLN E 8 -45.70 62.00 29.25
C GLN E 8 -46.90 62.43 28.41
N PRO E 9 -47.18 63.75 28.38
CA PRO E 9 -48.19 64.34 27.51
C PRO E 9 -48.18 63.81 26.08
N ILE E 10 -49.38 63.47 25.59
CA ILE E 10 -49.58 63.03 24.21
C ILE E 10 -49.95 64.26 23.37
N HIS E 11 -49.23 64.46 22.27
CA HIS E 11 -49.36 65.68 21.49
C HIS E 11 -49.60 65.40 20.01
N ILE E 12 -50.81 64.96 19.68
CA ILE E 12 -51.18 64.71 18.28
C ILE E 12 -51.48 66.04 17.59
N GLU E 13 -51.03 66.16 16.34
CA GLU E 13 -51.22 67.40 15.55
C GLU E 13 -51.03 67.16 14.05
N SER E 14 -51.95 67.68 13.24
CA SER E 14 -51.97 67.41 11.79
C SER E 14 -52.28 68.64 10.94
N ASP E 15 -53.18 68.47 9.97
CA ASP E 15 -53.64 69.57 9.10
C ASP E 15 -55.14 69.80 9.24
N GLN E 16 -55.88 68.71 9.42
CA GLN E 16 -57.33 68.76 9.66
C GLN E 16 -57.69 67.85 10.85
N GLN E 17 -58.97 67.50 10.98
CA GLN E 17 -59.46 66.54 11.99
C GLN E 17 -60.98 66.62 12.20
N SER E 18 -61.57 65.51 12.62
CA SER E 18 -62.99 65.45 12.92
C SER E 18 -63.29 64.56 14.13
N LEU E 19 -63.69 65.20 15.23
CA LEU E 19 -64.10 64.47 16.43
C LEU E 19 -65.49 63.86 16.28
N ASP E 20 -65.85 63.00 17.23
CA ASP E 20 -67.13 62.29 17.21
C ASP E 20 -67.31 61.55 18.53
N MET E 21 -68.43 61.83 19.21
CA MET E 21 -68.85 61.04 20.36
C MET E 21 -70.13 60.30 20.00
N GLN E 22 -70.60 60.52 18.77
CA GLN E 22 -71.72 59.78 18.17
C GLN E 22 -71.36 58.29 18.07
N GLY E 23 -70.06 58.05 17.82
CA GLY E 23 -69.41 56.78 18.14
C GLY E 23 -68.44 57.11 19.26
N ASN E 24 -67.16 57.21 18.90
CA ASN E 24 -66.08 57.63 19.82
C ASN E 24 -64.77 57.71 19.04
N VAL E 25 -64.87 58.24 17.83
CA VAL E 25 -63.83 58.14 16.83
C VAL E 25 -63.30 59.53 16.45
N VAL E 26 -62.01 59.74 16.62
CA VAL E 26 -61.40 61.02 16.30
C VAL E 26 -60.36 60.85 15.19
N THR E 27 -60.80 61.11 13.96
CA THR E 27 -59.94 61.03 12.79
C THR E 27 -59.02 62.24 12.71
N PHE E 28 -57.77 62.01 12.30
CA PHE E 28 -56.81 63.09 12.05
C PHE E 28 -56.30 62.92 10.61
N THR E 29 -56.27 63.99 9.84
CA THR E 29 -55.79 63.92 8.47
C THR E 29 -54.92 65.11 8.09
N GLY E 30 -53.74 64.80 7.55
CA GLY E 30 -52.78 65.81 7.10
C GLY E 30 -51.35 65.34 7.27
N ASN E 31 -50.45 66.28 7.52
CA ASN E 31 -49.08 65.93 7.91
C ASN E 31 -49.10 65.50 9.37
N VAL E 32 -49.72 64.34 9.63
CA VAL E 32 -50.03 63.88 10.98
C VAL E 32 -48.77 63.52 11.76
N ILE E 33 -48.69 64.02 13.00
CA ILE E 33 -47.57 63.75 13.89
C ILE E 33 -48.12 63.54 15.31
N VAL E 34 -47.90 62.34 15.85
CA VAL E 34 -48.21 62.05 17.25
C VAL E 34 -46.94 61.82 18.03
N THR E 35 -46.77 62.58 19.10
CA THR E 35 -45.58 62.46 19.94
C THR E 35 -45.96 62.08 21.37
N GLN E 36 -44.96 61.63 22.13
CA GLN E 36 -45.08 61.33 23.56
C GLN E 36 -43.68 61.19 24.15
N GLY E 37 -43.38 62.03 25.15
CA GLY E 37 -42.04 62.08 25.70
C GLY E 37 -41.02 62.20 24.60
N THR E 38 -40.31 61.10 24.33
CA THR E 38 -39.24 61.06 23.33
C THR E 38 -39.65 60.40 22.02
N ILE E 39 -40.85 59.81 21.99
CA ILE E 39 -41.42 59.15 20.80
C ILE E 39 -41.68 60.15 19.67
N LYS E 40 -41.87 59.63 18.46
CA LYS E 40 -42.30 60.44 17.30
C LYS E 40 -42.83 59.53 16.19
N ILE E 41 -44.16 59.41 16.10
CA ILE E 41 -44.82 58.60 15.07
C ILE E 41 -45.43 59.48 13.97
N ASN E 42 -45.07 59.21 12.72
CA ASN E 42 -45.55 59.98 11.57
C ASN E 42 -46.43 59.15 10.65
N ALA E 43 -47.52 59.75 10.16
CA ALA E 43 -48.50 59.05 9.34
C ALA E 43 -49.35 59.98 8.47
N ASP E 44 -50.22 59.39 7.65
CA ASP E 44 -51.13 60.13 6.76
C ASP E 44 -52.53 60.28 7.34
N LYS E 45 -52.93 59.34 8.19
CA LYS E 45 -54.23 59.35 8.84
C LYS E 45 -54.15 58.62 10.18
N VAL E 46 -54.55 59.29 11.26
CA VAL E 46 -54.58 58.67 12.59
C VAL E 46 -55.99 58.59 13.17
N VAL E 47 -56.41 57.38 13.53
CA VAL E 47 -57.70 57.20 14.18
C VAL E 47 -57.53 56.72 15.63
N VAL E 48 -57.97 57.55 16.57
CA VAL E 48 -57.96 57.20 17.99
C VAL E 48 -59.35 56.75 18.44
N THR E 49 -59.40 55.64 19.14
CA THR E 49 -60.65 55.07 19.64
C THR E 49 -60.56 54.81 21.14
N ARG E 50 -61.70 54.85 21.81
CA ARG E 50 -61.75 54.62 23.25
C ARG E 50 -62.83 53.58 23.58
N PRO E 51 -62.59 52.31 23.22
CA PRO E 51 -63.58 51.25 23.42
C PRO E 51 -63.38 50.48 24.72
N LYS E 57 -58.28 53.19 27.28
CA LYS E 57 -57.73 54.49 27.65
C LYS E 57 -56.97 55.13 26.47
N GLU E 58 -57.57 55.07 25.28
CA GLU E 58 -57.03 55.63 24.02
C GLU E 58 -56.11 54.67 23.24
N VAL E 59 -56.55 54.29 22.04
CA VAL E 59 -55.80 53.37 21.16
C VAL E 59 -55.55 54.00 19.79
N ILE E 60 -54.33 54.50 19.61
CA ILE E 60 -53.90 55.17 18.39
C ILE E 60 -53.72 54.20 17.21
N ASP E 61 -54.14 54.63 16.02
CA ASP E 61 -53.92 53.85 14.79
C ASP E 61 -53.57 54.74 13.60
N GLY E 62 -52.28 54.79 13.27
CA GLY E 62 -51.77 55.54 12.12
C GLY E 62 -51.75 54.74 10.82
N TYR E 63 -51.74 55.46 9.69
CA TYR E 63 -51.80 54.83 8.37
C TYR E 63 -50.93 55.58 7.37
N GLY E 64 -50.65 54.95 6.23
CA GLY E 64 -49.84 55.58 5.18
C GLY E 64 -48.63 54.76 4.77
N LYS E 65 -48.27 54.87 3.50
CA LYS E 65 -47.15 54.11 2.93
C LYS E 65 -45.98 55.04 2.62
N PRO E 66 -44.95 55.04 3.48
CA PRO E 66 -44.82 54.25 4.71
C PRO E 66 -44.94 55.07 6.01
N ALA E 67 -45.81 54.62 6.91
CA ALA E 67 -45.97 55.24 8.23
C ALA E 67 -44.79 54.87 9.12
N THR E 68 -44.21 55.88 9.75
CA THR E 68 -42.93 55.71 10.45
C THR E 68 -43.06 55.65 11.97
N PHE E 69 -41.92 55.47 12.64
CA PHE E 69 -41.85 55.30 14.09
C PHE E 69 -40.50 55.80 14.58
N TYR E 70 -40.47 56.33 15.79
CA TYR E 70 -39.21 56.71 16.45
C TYR E 70 -39.31 56.50 17.96
N GLN E 71 -38.17 56.23 18.59
CA GLN E 71 -38.06 56.14 20.04
C GLN E 71 -36.61 56.35 20.47
N MET E 72 -36.39 57.33 21.35
CA MET E 72 -35.08 57.55 21.95
C MET E 72 -35.00 56.73 23.25
N GLN E 73 -33.97 55.90 23.37
CA GLN E 73 -33.91 54.93 24.46
C GLN E 73 -32.92 55.25 25.57
N ASP E 74 -33.13 54.61 26.72
CA ASP E 74 -32.39 54.83 27.97
C ASP E 74 -30.87 54.85 27.81
N ASN E 75 -30.37 54.08 26.84
CA ASN E 75 -28.95 54.01 26.52
C ASN E 75 -28.40 55.25 25.80
N GLY E 76 -29.30 56.16 25.43
CA GLY E 76 -28.92 57.35 24.67
C GLY E 76 -28.79 57.03 23.20
N LYS E 77 -29.56 56.03 22.75
CA LYS E 77 -29.54 55.59 21.35
C LYS E 77 -30.95 55.41 20.79
N PRO E 78 -31.21 55.99 19.59
CA PRO E 78 -32.49 55.90 18.88
C PRO E 78 -32.90 54.48 18.50
N VAL E 79 -34.16 54.32 18.09
CA VAL E 79 -34.70 53.03 17.64
C VAL E 79 -35.81 53.27 16.61
N GLU E 80 -35.41 53.46 15.35
CA GLU E 80 -36.33 53.79 14.26
C GLU E 80 -37.21 52.62 13.83
N GLY E 81 -37.81 52.73 12.65
CA GLY E 81 -38.70 51.70 12.13
C GLY E 81 -39.87 52.26 11.34
N HIS E 82 -40.48 51.42 10.50
CA HIS E 82 -41.61 51.83 9.67
C HIS E 82 -42.48 50.65 9.23
N ALA E 83 -43.74 50.95 8.95
CA ALA E 83 -44.69 49.95 8.46
C ALA E 83 -45.81 50.59 7.66
N SER E 84 -46.97 49.91 7.63
CA SER E 84 -48.18 50.47 7.04
C SER E 84 -49.10 51.01 8.14
N GLN E 85 -49.60 50.12 8.99
CA GLN E 85 -50.42 50.50 10.13
C GLN E 85 -49.60 50.56 11.43
N MET E 86 -49.79 51.63 12.20
CA MET E 86 -49.05 51.85 13.45
C MET E 86 -49.96 51.80 14.68
N HIS E 87 -50.47 50.60 14.97
CA HIS E 87 -51.36 50.35 16.10
C HIS E 87 -50.67 50.58 17.47
N TYR E 88 -51.00 51.69 18.11
CA TYR E 88 -50.48 52.02 19.43
C TYR E 88 -51.54 51.91 20.51
N GLU E 89 -51.23 51.15 21.56
CA GLU E 89 -52.07 51.07 22.77
C GLU E 89 -51.27 51.61 23.96
N LEU E 90 -51.95 52.15 24.97
CA LEU E 90 -51.28 52.83 26.07
C LEU E 90 -51.67 52.27 27.45
N ALA E 91 -52.28 51.08 27.42
CA ALA E 91 -53.00 50.54 28.58
C ALA E 91 -52.34 49.54 29.56
N LYS E 92 -51.49 48.56 29.18
CA LYS E 92 -50.84 48.26 27.88
C LYS E 92 -49.43 48.87 27.75
N ASP E 93 -49.26 49.82 26.82
CA ASP E 93 -47.94 50.34 26.38
C ASP E 93 -47.40 49.55 25.18
N PHE E 94 -48.30 49.20 24.26
CA PHE E 94 -48.00 48.25 23.20
C PHE E 94 -48.03 48.90 21.80
N VAL E 95 -46.99 48.62 21.00
CA VAL E 95 -46.93 49.10 19.61
C VAL E 95 -46.94 47.95 18.60
N VAL E 96 -48.00 47.87 17.79
CA VAL E 96 -48.15 46.83 16.77
C VAL E 96 -48.00 47.44 15.38
N LEU E 97 -47.06 46.91 14.60
CA LEU E 97 -46.82 47.37 13.23
C LEU E 97 -47.17 46.26 12.24
N THR E 98 -47.87 46.62 11.17
CA THR E 98 -48.27 45.64 10.16
C THR E 98 -48.07 46.22 8.76
N GLY E 99 -48.04 45.36 7.75
CA GLY E 99 -47.80 45.76 6.37
C GLY E 99 -46.36 46.19 6.14
N ASN E 100 -45.52 45.25 5.73
CA ASN E 100 -44.07 45.46 5.54
C ASN E 100 -43.42 46.08 6.76
N ALA E 101 -43.28 45.26 7.81
CA ALA E 101 -42.70 45.70 9.07
C ALA E 101 -41.17 45.75 9.03
N TYR E 102 -40.60 46.66 9.83
CA TYR E 102 -39.16 46.77 10.03
C TYR E 102 -38.88 47.62 11.27
N LEU E 103 -37.99 47.15 12.14
CA LEU E 103 -37.63 47.90 13.34
C LEU E 103 -36.12 47.83 13.64
N GLN E 104 -35.43 48.90 13.29
CA GLN E 104 -33.98 49.05 13.49
C GLN E 104 -33.61 49.19 14.97
N GLN E 105 -32.32 49.03 15.27
CA GLN E 105 -31.75 49.29 16.60
C GLN E 105 -30.23 49.36 16.49
N VAL E 106 -29.56 49.63 17.62
CA VAL E 106 -28.10 49.80 17.66
C VAL E 106 -27.32 48.49 17.54
N ASP E 107 -28.03 47.36 17.67
CA ASP E 107 -27.47 46.04 17.37
C ASP E 107 -28.51 45.14 16.72
N SER E 108 -29.72 45.11 17.29
CA SER E 108 -30.80 44.32 16.73
C SER E 108 -31.42 45.03 15.53
N ASN E 109 -32.14 44.28 14.70
CA ASN E 109 -32.56 44.79 13.40
C ASN E 109 -33.66 43.95 12.74
N ILE E 110 -34.83 43.90 13.37
CA ILE E 110 -35.95 43.06 12.89
C ILE E 110 -36.64 43.65 11.66
N LYS E 111 -37.39 42.80 10.95
CA LYS E 111 -38.13 43.21 9.74
C LYS E 111 -38.97 42.07 9.16
N GLY E 112 -40.25 42.06 9.49
CA GLY E 112 -41.16 41.04 9.00
C GLY E 112 -42.51 41.58 8.55
N ASP E 113 -43.59 40.96 9.02
CA ASP E 113 -44.94 41.34 8.65
C ASP E 113 -45.84 41.75 9.83
N LYS E 114 -45.32 41.65 11.04
CA LYS E 114 -46.04 42.08 12.24
C LYS E 114 -45.10 42.24 13.41
N ILE E 115 -44.35 43.33 13.44
CA ILE E 115 -43.47 43.62 14.56
C ILE E 115 -44.26 44.16 15.76
N THR E 116 -44.39 43.34 16.80
CA THR E 116 -45.15 43.72 18.01
C THR E 116 -44.22 44.15 19.15
N TYR E 117 -44.46 45.36 19.66
CA TYR E 117 -43.55 46.01 20.61
C TYR E 117 -44.23 46.34 21.94
N LEU E 118 -43.44 46.48 23.00
CA LEU E 118 -43.91 46.86 24.33
C LEU E 118 -42.77 47.60 25.06
N VAL E 119 -42.92 48.91 25.20
CA VAL E 119 -41.82 49.78 25.65
C VAL E 119 -41.48 49.72 27.15
N LYS E 120 -42.39 49.15 27.94
CA LYS E 120 -42.20 49.04 29.39
C LYS E 120 -41.04 48.10 29.73
N GLU E 121 -41.12 46.87 29.25
CA GLU E 121 -40.07 45.86 29.45
C GLU E 121 -39.05 45.83 28.30
N GLN E 122 -39.24 46.72 27.33
CA GLN E 122 -38.38 46.84 26.12
C GLN E 122 -38.45 45.63 25.16
N LYS E 123 -39.33 44.68 25.46
CA LYS E 123 -39.49 43.44 24.68
C LYS E 123 -40.01 43.68 23.25
N MET E 124 -39.68 42.77 22.34
CA MET E 124 -40.07 42.89 20.93
C MET E 124 -40.42 41.52 20.32
N GLN E 125 -41.32 41.51 19.34
CA GLN E 125 -41.71 40.29 18.63
C GLN E 125 -41.98 40.52 17.13
N ALA E 126 -42.08 39.43 16.37
CA ALA E 126 -42.29 39.51 14.92
C ALA E 126 -42.97 38.25 14.36
N PHE E 127 -43.81 38.44 13.35
CA PHE E 127 -44.66 37.37 12.83
C PHE E 127 -44.61 37.27 11.30
N SER E 128 -44.90 36.08 10.78
CA SER E 128 -44.80 35.81 9.33
C SER E 128 -46.11 35.36 8.70
N ASP E 129 -46.29 35.74 7.43
CA ASP E 129 -47.47 35.38 6.67
C ASP E 129 -47.33 34.00 6.03
N LYS E 130 -48.42 33.51 5.42
CA LYS E 130 -48.43 32.23 4.71
C LYS E 130 -47.65 32.33 3.40
N GLY E 131 -46.52 31.62 3.33
CA GLY E 131 -45.62 31.69 2.19
C GLY E 131 -44.72 32.91 2.25
N LYS E 132 -44.21 33.21 3.45
CA LYS E 132 -43.37 34.37 3.70
C LYS E 132 -42.63 34.22 5.02
N ARG E 133 -41.38 34.68 5.07
CA ARG E 133 -40.54 34.53 6.27
C ARG E 133 -39.97 35.86 6.79
N VAL E 134 -39.31 35.80 7.94
CA VAL E 134 -38.91 37.00 8.69
C VAL E 134 -37.39 37.17 8.82
N THR E 135 -36.86 38.14 8.07
CA THR E 135 -35.43 38.46 8.11
C THR E 135 -35.05 39.21 9.39
N THR E 136 -34.15 38.62 10.15
CA THR E 136 -33.70 39.20 11.42
C THR E 136 -32.18 39.19 11.45
N VAL E 137 -31.57 40.33 11.71
CA VAL E 137 -30.10 40.41 11.74
C VAL E 137 -29.55 41.07 13.01
N LEU E 138 -28.46 40.51 13.52
CA LEU E 138 -27.79 41.08 14.69
C LEU E 138 -26.45 41.68 14.30
N VAL E 139 -26.19 42.90 14.75
CA VAL E 139 -24.99 43.65 14.37
C VAL E 139 -23.90 43.64 15.44
N PRO E 140 -22.62 43.58 15.01
CA PRO E 140 -21.48 43.83 15.89
C PRO E 140 -20.81 45.21 15.67
N SER E 141 -20.65 45.59 14.40
CA SER E 141 -19.83 46.75 13.97
C SER E 141 -19.82 47.93 14.94
N VAL F 2 -14.73 30.48 8.29
CA VAL F 2 -13.28 30.60 8.61
C VAL F 2 -13.10 31.38 9.91
N THR F 3 -11.88 31.85 10.14
CA THR F 3 -11.58 32.70 11.29
C THR F 3 -12.14 34.11 11.06
N GLY F 4 -12.81 34.65 12.07
CA GLY F 4 -13.52 35.93 11.94
C GLY F 4 -14.98 35.74 11.57
N ASP F 5 -15.45 34.51 11.65
CA ASP F 5 -16.84 34.16 11.39
C ASP F 5 -17.78 34.62 12.50
N THR F 6 -17.30 34.58 13.74
CA THR F 6 -18.10 34.99 14.89
C THR F 6 -18.30 36.50 14.89
N ASP F 7 -17.29 37.22 14.43
CA ASP F 7 -17.38 38.68 14.29
C ASP F 7 -18.22 39.10 13.09
N GLN F 8 -19.20 38.26 12.75
CA GLN F 8 -20.05 38.53 11.60
C GLN F 8 -21.50 38.74 12.01
N PRO F 9 -22.19 39.65 11.31
CA PRO F 9 -23.64 39.79 11.38
C PRO F 9 -24.33 38.43 11.32
N ILE F 10 -25.33 38.22 12.18
CA ILE F 10 -26.03 36.95 12.23
C ILE F 10 -27.40 37.07 11.55
N HIS F 11 -27.45 36.70 10.28
CA HIS F 11 -28.71 36.65 9.54
C HIS F 11 -29.53 35.47 10.02
N ILE F 12 -30.82 35.68 10.21
CA ILE F 12 -31.74 34.59 10.49
C ILE F 12 -32.98 34.75 9.62
N GLU F 13 -33.42 33.64 9.05
CA GLU F 13 -34.68 33.62 8.33
C GLU F 13 -35.64 32.72 9.09
N SER F 14 -36.25 33.33 10.11
CA SER F 14 -37.19 32.65 10.99
C SER F 14 -38.60 32.67 10.40
N ASP F 15 -39.58 32.30 11.23
CA ASP F 15 -40.99 32.54 10.96
C ASP F 15 -41.58 33.40 12.07
N GLN F 16 -41.25 33.05 13.32
CA GLN F 16 -41.71 33.81 14.48
C GLN F 16 -40.52 34.11 15.39
N GLN F 17 -40.39 35.36 15.80
CA GLN F 17 -39.27 35.72 16.66
C GLN F 17 -39.71 36.55 17.87
N SER F 18 -38.89 36.48 18.93
CA SER F 18 -39.17 37.15 20.19
C SER F 18 -37.86 37.67 20.76
N LEU F 19 -37.67 38.98 20.73
CA LEU F 19 -36.45 39.62 21.25
C LEU F 19 -36.67 40.12 22.67
N ASP F 20 -35.59 40.27 23.42
CA ASP F 20 -35.65 40.79 24.80
C ASP F 20 -34.38 41.56 25.16
N MET F 21 -34.29 42.81 24.71
CA MET F 21 -33.09 43.63 24.89
C MET F 21 -32.77 43.94 26.36
N GLN F 22 -33.64 43.52 27.27
CA GLN F 22 -33.43 43.69 28.71
C GLN F 22 -32.26 42.82 29.21
N GLY F 23 -32.00 41.72 28.50
CA GLY F 23 -30.89 40.82 28.82
C GLY F 23 -30.29 40.13 27.59
N ASN F 24 -30.84 40.45 26.41
CA ASN F 24 -30.46 39.84 25.14
C ASN F 24 -30.62 38.32 25.12
N VAL F 25 -31.85 37.86 24.88
CA VAL F 25 -32.17 36.44 24.84
C VAL F 25 -33.16 36.15 23.71
N VAL F 26 -32.77 36.53 22.50
CA VAL F 26 -33.64 36.45 21.33
C VAL F 26 -33.94 35.02 20.84
N THR F 27 -35.22 34.74 20.60
CA THR F 27 -35.68 33.41 20.21
C THR F 27 -36.23 33.41 18.78
N PHE F 28 -36.04 32.28 18.09
CA PHE F 28 -36.52 32.08 16.73
C PHE F 28 -37.23 30.75 16.60
N THR F 29 -38.18 30.68 15.67
CA THR F 29 -38.88 29.43 15.36
C THR F 29 -39.49 29.41 13.95
N GLY F 30 -39.98 28.25 13.55
CA GLY F 30 -40.56 28.05 12.21
C GLY F 30 -39.51 28.07 11.11
N ASN F 31 -39.09 26.88 10.67
CA ASN F 31 -38.10 26.69 9.61
C ASN F 31 -36.93 27.71 9.65
N VAL F 32 -36.19 27.69 10.75
CA VAL F 32 -35.09 28.64 10.95
C VAL F 32 -33.86 28.36 10.07
N ILE F 33 -33.20 29.42 9.65
CA ILE F 33 -32.01 29.33 8.81
C ILE F 33 -31.01 30.41 9.24
N VAL F 34 -30.27 30.14 10.30
CA VAL F 34 -29.25 31.09 10.75
C VAL F 34 -27.97 30.94 9.92
N THR F 35 -27.38 32.08 9.53
CA THR F 35 -26.14 32.11 8.76
C THR F 35 -25.27 33.27 9.25
N GLN F 36 -23.98 33.00 9.45
CA GLN F 36 -23.08 34.00 10.03
C GLN F 36 -21.64 33.79 9.56
N GLY F 37 -21.20 34.61 8.62
CA GLY F 37 -19.99 34.31 7.88
C GLY F 37 -20.24 33.02 7.13
N THR F 38 -19.42 32.01 7.37
CA THR F 38 -19.59 30.70 6.72
C THR F 38 -20.43 29.70 7.52
N ILE F 39 -20.75 30.06 8.76
CA ILE F 39 -21.62 29.23 9.60
C ILE F 39 -23.03 29.19 9.03
N LYS F 40 -23.66 28.01 9.06
CA LYS F 40 -25.01 27.85 8.56
C LYS F 40 -25.78 26.77 9.36
N ILE F 41 -26.38 27.19 10.47
CA ILE F 41 -27.17 26.30 11.33
C ILE F 41 -28.63 26.25 10.89
N ASN F 42 -29.21 25.06 10.89
CA ASN F 42 -30.61 24.86 10.56
C ASN F 42 -31.31 24.05 11.63
N ALA F 43 -32.56 24.42 11.94
CA ALA F 43 -33.36 23.75 12.95
C ALA F 43 -34.85 23.93 12.69
N ASP F 44 -35.62 23.79 13.77
CA ASP F 44 -37.03 24.16 13.80
C ASP F 44 -37.26 25.24 14.86
N LYS F 45 -36.32 25.34 15.79
CA LYS F 45 -36.38 26.29 16.89
C LYS F 45 -34.98 26.62 17.38
N VAL F 46 -34.65 27.91 17.44
CA VAL F 46 -33.32 28.37 17.88
C VAL F 46 -33.43 29.45 18.96
N VAL F 47 -32.33 29.68 19.68
CA VAL F 47 -32.28 30.71 20.73
C VAL F 47 -30.84 31.18 21.00
N VAL F 48 -30.59 32.46 20.71
CA VAL F 48 -29.27 33.06 20.91
C VAL F 48 -29.26 33.98 22.14
N THR F 49 -28.46 33.63 23.13
CA THR F 49 -28.50 34.27 24.45
C THR F 49 -27.20 34.99 24.79
N ARG F 50 -27.31 36.15 25.43
CA ARG F 50 -26.15 36.92 25.89
C ARG F 50 -26.37 37.48 27.30
N LYS F 57 -19.58 36.67 22.61
CA LYS F 57 -20.15 35.80 23.64
C LYS F 57 -21.50 35.21 23.21
N GLU F 58 -21.71 35.10 21.89
CA GLU F 58 -22.96 34.57 21.33
C GLU F 58 -23.16 33.09 21.65
N VAL F 59 -24.40 32.70 21.91
CA VAL F 59 -24.70 31.31 22.24
C VAL F 59 -25.93 30.78 21.48
N ILE F 60 -25.71 30.37 20.23
CA ILE F 60 -26.78 29.80 19.41
C ILE F 60 -27.15 28.39 19.87
N ASP F 61 -28.45 28.07 19.81
CA ASP F 61 -28.96 26.80 20.32
C ASP F 61 -30.11 26.27 19.47
N GLY F 62 -29.83 25.22 18.70
CA GLY F 62 -30.80 24.69 17.74
C GLY F 62 -31.50 23.44 18.19
N TYR F 63 -32.77 23.32 17.80
CA TYR F 63 -33.60 22.18 18.17
C TYR F 63 -34.41 21.81 16.94
N GLY F 64 -34.18 20.60 16.44
CA GLY F 64 -34.89 20.13 15.25
C GLY F 64 -34.81 18.63 15.06
N LYS F 65 -35.55 18.14 14.08
CA LYS F 65 -35.55 16.72 13.77
C LYS F 65 -35.25 16.48 12.27
N PRO F 66 -33.95 16.41 11.91
CA PRO F 66 -32.78 16.74 12.73
C PRO F 66 -32.33 18.19 12.54
N ALA F 67 -31.65 18.73 13.55
CA ALA F 67 -31.09 20.08 13.46
C ALA F 67 -29.68 20.00 12.88
N THR F 68 -29.46 20.64 11.74
CA THR F 68 -28.19 20.52 11.03
C THR F 68 -27.18 21.61 11.40
N PHE F 69 -25.92 21.36 11.05
CA PHE F 69 -24.84 22.31 11.27
C PHE F 69 -23.83 22.25 10.14
N TYR F 70 -23.31 23.42 9.80
CA TYR F 70 -22.26 23.57 8.80
C TYR F 70 -21.35 24.71 9.21
N GLN F 71 -20.04 24.48 9.15
CA GLN F 71 -19.06 25.58 9.17
C GLN F 71 -17.85 25.31 8.29
N MET F 72 -16.91 26.25 8.35
CA MET F 72 -15.65 26.24 7.63
C MET F 72 -14.82 27.23 8.45
N GLN F 73 -13.59 26.92 8.88
CA GLN F 73 -12.73 25.79 8.52
C GLN F 73 -11.74 26.28 7.46
N ASP F 74 -10.81 27.12 7.92
CA ASP F 74 -9.87 27.86 7.05
C ASP F 74 -9.06 27.01 6.07
N ASN F 75 -8.75 25.78 6.48
CA ASN F 75 -8.09 24.81 5.61
C ASN F 75 -9.12 24.06 4.76
N GLY F 76 -9.95 24.81 4.06
CA GLY F 76 -10.91 24.27 3.08
C GLY F 76 -11.67 23.00 3.41
N LYS F 77 -11.73 22.64 4.69
CA LYS F 77 -12.40 21.41 5.09
C LYS F 77 -13.70 21.72 5.85
N PRO F 78 -14.85 21.64 5.16
CA PRO F 78 -16.12 21.91 5.82
C PRO F 78 -16.44 20.87 6.86
N VAL F 79 -17.22 21.23 7.88
CA VAL F 79 -17.63 20.29 8.90
C VAL F 79 -19.16 20.15 8.98
N GLU F 80 -19.67 19.02 8.46
CA GLU F 80 -21.09 18.69 8.58
C GLU F 80 -21.39 18.23 9.99
N GLY F 81 -22.66 18.06 10.30
CA GLY F 81 -23.05 17.54 11.61
C GLY F 81 -24.49 17.77 11.98
N HIS F 82 -25.32 16.74 11.82
CA HIS F 82 -26.72 16.87 12.17
C HIS F 82 -27.10 16.02 13.37
N ALA F 83 -27.52 16.70 14.44
CA ALA F 83 -28.09 16.07 15.62
C ALA F 83 -29.57 16.44 15.72
N SER F 84 -30.08 16.48 16.95
CA SER F 84 -31.41 17.01 17.22
C SER F 84 -31.29 18.10 18.27
N GLN F 85 -30.13 18.14 18.92
CA GLN F 85 -29.78 19.17 19.89
C GLN F 85 -28.43 19.78 19.53
N MET F 86 -28.45 21.07 19.20
CA MET F 86 -27.26 21.79 18.78
C MET F 86 -26.92 22.86 19.82
N HIS F 87 -25.63 23.18 19.91
CA HIS F 87 -25.12 24.10 20.92
C HIS F 87 -23.84 24.75 20.41
N TYR F 88 -23.73 26.07 20.56
CA TYR F 88 -22.55 26.79 20.04
C TYR F 88 -22.09 27.93 20.95
N GLU F 89 -20.98 27.72 21.64
CA GLU F 89 -20.41 28.74 22.54
C GLU F 89 -19.35 29.59 21.82
N LEU F 90 -19.83 30.35 20.84
CA LEU F 90 -19.01 31.10 19.87
C LEU F 90 -17.73 31.76 20.37
N ALA F 91 -17.76 32.21 21.62
CA ALA F 91 -16.63 32.95 22.21
C ALA F 91 -15.34 32.14 22.29
N LYS F 92 -15.46 30.82 22.27
CA LYS F 92 -14.32 29.92 22.31
C LYS F 92 -14.24 29.04 21.06
N ASP F 93 -15.32 29.01 20.29
CA ASP F 93 -15.53 28.07 19.17
C ASP F 93 -15.77 26.66 19.68
N PHE F 94 -17.05 26.32 19.85
CA PHE F 94 -17.42 25.07 20.48
C PHE F 94 -18.75 24.54 19.95
N VAL F 95 -18.85 23.21 19.85
CA VAL F 95 -20.07 22.56 19.37
C VAL F 95 -20.46 21.42 20.29
N VAL F 96 -21.75 21.14 20.35
CA VAL F 96 -22.27 19.94 21.01
C VAL F 96 -23.39 19.37 20.14
N LEU F 97 -23.29 18.09 19.82
CA LEU F 97 -24.29 17.40 19.01
C LEU F 97 -24.95 16.32 19.87
N THR F 98 -26.21 16.52 20.21
CA THR F 98 -26.89 15.59 21.12
C THR F 98 -28.06 14.90 20.46
N GLY F 99 -28.20 13.60 20.76
CA GLY F 99 -29.35 12.82 20.36
C GLY F 99 -29.38 12.52 18.87
N ASN F 100 -29.18 11.24 18.55
CA ASN F 100 -29.11 10.79 17.16
C ASN F 100 -28.18 11.71 16.35
N ALA F 101 -26.97 11.90 16.89
CA ALA F 101 -26.01 12.85 16.33
C ALA F 101 -25.00 12.19 15.40
N TYR F 102 -24.39 13.02 14.54
CA TYR F 102 -23.43 12.55 13.53
C TYR F 102 -22.67 13.73 12.92
N LEU F 103 -21.48 13.99 13.44
CA LEU F 103 -20.63 15.04 12.91
C LEU F 103 -19.74 14.49 11.83
N GLN F 104 -20.17 14.60 10.57
CA GLN F 104 -19.30 14.27 9.45
C GLN F 104 -18.17 15.26 9.37
N GLN F 105 -17.28 15.06 8.41
CA GLN F 105 -16.08 15.86 8.30
C GLN F 105 -15.41 15.45 6.99
N VAL F 106 -14.37 16.20 6.60
CA VAL F 106 -13.56 15.79 5.49
C VAL F 106 -12.86 14.51 5.91
N ASP F 107 -12.97 13.48 5.06
CA ASP F 107 -12.36 12.15 5.27
C ASP F 107 -12.92 11.28 6.43
N SER F 108 -12.98 11.86 7.64
CA SER F 108 -13.31 11.10 8.84
C SER F 108 -14.66 11.47 9.45
N ASN F 109 -15.67 10.66 9.15
CA ASN F 109 -16.96 10.79 9.81
C ASN F 109 -16.92 10.08 11.15
N ILE F 110 -17.81 10.46 12.07
CA ILE F 110 -18.03 9.72 13.32
C ILE F 110 -19.49 9.85 13.76
N LYS F 111 -20.22 8.74 13.74
CA LYS F 111 -21.64 8.72 14.11
C LYS F 111 -21.80 8.29 15.57
N GLY F 112 -22.37 9.17 16.38
CA GLY F 112 -22.52 8.91 17.82
C GLY F 112 -23.84 9.32 18.44
N ASP F 113 -23.78 9.69 19.72
CA ASP F 113 -24.97 10.15 20.45
C ASP F 113 -24.72 11.51 21.08
N LYS F 114 -23.54 11.71 21.66
CA LYS F 114 -23.12 13.01 22.18
C LYS F 114 -21.72 13.34 21.66
N ILE F 115 -21.65 14.26 20.71
CA ILE F 115 -20.40 14.60 20.02
C ILE F 115 -19.98 16.07 20.23
N THR F 116 -18.93 16.27 21.01
CA THR F 116 -18.37 17.61 21.18
C THR F 116 -17.37 17.85 20.07
N TYR F 117 -16.95 19.11 19.92
CA TYR F 117 -15.97 19.48 18.92
C TYR F 117 -15.40 20.86 19.20
N LEU F 118 -14.08 20.94 19.24
CA LEU F 118 -13.38 22.21 19.28
C LEU F 118 -12.92 22.55 17.88
N VAL F 119 -13.52 23.58 17.30
CA VAL F 119 -13.14 24.02 15.96
C VAL F 119 -11.86 24.84 16.04
N LYS F 120 -11.68 25.53 17.17
CA LYS F 120 -10.55 26.42 17.43
C LYS F 120 -9.18 25.79 17.16
N GLU F 121 -9.05 24.50 17.47
CA GLU F 121 -7.84 23.72 17.20
C GLU F 121 -8.15 22.25 16.84
N GLN F 122 -9.28 22.06 16.17
CA GLN F 122 -9.64 20.80 15.48
C GLN F 122 -9.88 19.57 16.35
N LYS F 123 -9.76 19.72 17.68
CA LYS F 123 -9.96 18.60 18.62
C LYS F 123 -11.42 18.15 18.70
N MET F 124 -11.65 16.84 18.70
CA MET F 124 -13.00 16.26 18.71
C MET F 124 -13.16 15.13 19.73
N GLN F 125 -14.40 14.89 20.14
CA GLN F 125 -14.77 13.75 21.00
C GLN F 125 -16.22 13.36 20.78
N ALA F 126 -16.51 12.07 20.95
CA ALA F 126 -17.86 11.51 20.76
C ALA F 126 -18.19 10.48 21.81
N PHE F 127 -19.45 10.45 22.24
CA PHE F 127 -19.88 9.62 23.36
C PHE F 127 -21.19 8.89 23.08
N SER F 128 -21.32 7.70 23.67
CA SER F 128 -22.49 6.84 23.45
C SER F 128 -23.15 6.38 24.75
N ASP F 129 -24.47 6.25 24.70
CA ASP F 129 -25.25 5.68 25.80
C ASP F 129 -24.94 4.19 25.93
N LYS F 130 -24.95 3.69 27.16
CA LYS F 130 -24.62 2.29 27.45
C LYS F 130 -25.58 1.33 26.72
N GLY F 131 -25.02 0.31 26.09
CA GLY F 131 -25.79 -0.65 25.29
C GLY F 131 -25.91 -0.22 23.83
N LYS F 132 -25.37 0.96 23.53
CA LYS F 132 -25.36 1.51 22.18
C LYS F 132 -23.92 1.86 21.78
N ARG F 133 -23.64 1.80 20.47
CA ARG F 133 -22.28 1.94 19.96
C ARG F 133 -22.06 3.18 19.08
N VAL F 134 -20.78 3.52 18.90
CA VAL F 134 -20.34 4.57 17.99
C VAL F 134 -20.09 3.94 16.62
N THR F 135 -19.99 4.74 15.57
CA THR F 135 -19.80 4.21 14.22
C THR F 135 -18.85 5.08 13.40
N THR F 136 -18.08 4.43 12.53
CA THR F 136 -17.16 5.09 11.62
C THR F 136 -16.95 4.24 10.39
N VAL F 137 -16.79 4.90 9.25
CA VAL F 137 -16.23 4.27 8.07
C VAL F 137 -15.13 5.19 7.56
N LEU F 138 -14.29 4.71 6.64
CA LEU F 138 -13.27 5.58 6.02
C LEU F 138 -13.00 5.30 4.54
N VAL F 139 -13.59 4.22 4.02
CA VAL F 139 -13.39 3.79 2.63
C VAL F 139 -13.58 4.90 1.60
N VAL G 2 -11.84 -13.33 3.18
CA VAL G 2 -12.30 -13.72 1.81
C VAL G 2 -11.65 -12.84 0.75
N THR G 3 -11.84 -13.21 -0.51
CA THR G 3 -11.26 -12.46 -1.63
C THR G 3 -11.94 -11.08 -1.78
N GLY G 4 -11.13 -10.03 -1.94
CA GLY G 4 -11.65 -8.67 -2.09
C GLY G 4 -11.74 -7.86 -0.80
N ASP G 5 -11.54 -8.53 0.33
CA ASP G 5 -11.59 -7.89 1.64
C ASP G 5 -10.76 -6.60 1.71
N THR G 6 -9.54 -6.68 1.20
CA THR G 6 -8.62 -5.54 1.11
C THR G 6 -9.32 -4.23 0.70
N ASP G 7 -10.25 -4.36 -0.24
CA ASP G 7 -11.01 -3.24 -0.76
C ASP G 7 -12.50 -3.38 -0.44
N GLN G 8 -12.85 -2.94 0.76
CA GLN G 8 -14.22 -2.96 1.27
C GLN G 8 -14.32 -1.87 2.32
N PRO G 9 -15.55 -1.38 2.58
CA PRO G 9 -15.74 -0.43 3.67
C PRO G 9 -15.17 -0.96 4.98
N ILE G 10 -14.41 -0.11 5.68
CA ILE G 10 -13.80 -0.47 6.95
C ILE G 10 -14.56 0.17 8.11
N HIS G 11 -15.51 -0.59 8.66
CA HIS G 11 -16.32 -0.13 9.77
C HIS G 11 -15.54 -0.24 11.07
N ILE G 12 -15.75 0.73 11.95
CA ILE G 12 -15.19 0.69 13.29
C ILE G 12 -16.31 1.08 14.23
N GLU G 13 -16.54 0.24 15.25
CA GLU G 13 -17.53 0.56 16.28
C GLU G 13 -16.95 0.37 17.68
N SER G 14 -17.10 1.38 18.52
CA SER G 14 -16.62 1.32 19.90
C SER G 14 -17.58 2.01 20.87
N ASP G 15 -17.04 2.51 21.98
CA ASP G 15 -17.83 3.17 23.00
C ASP G 15 -17.49 4.66 23.09
N GLN G 16 -16.21 4.98 23.16
CA GLN G 16 -15.75 6.36 23.15
C GLN G 16 -14.86 6.62 21.94
N GLN G 17 -14.47 7.88 21.74
CA GLN G 17 -13.44 8.26 20.75
C GLN G 17 -12.82 9.66 20.95
N SER G 18 -11.72 9.92 20.25
CA SER G 18 -10.92 11.14 20.43
C SER G 18 -10.38 11.57 19.06
N LEU G 19 -9.71 12.74 18.99
CA LEU G 19 -9.23 13.27 17.72
C LEU G 19 -8.09 14.30 17.82
N ASP G 20 -7.13 14.22 16.89
CA ASP G 20 -6.20 15.32 16.57
C ASP G 20 -6.05 15.50 15.06
N MET G 21 -6.81 16.45 14.52
CA MET G 21 -6.81 16.73 13.07
C MET G 21 -5.58 17.51 12.62
N GLN G 22 -4.90 18.15 13.59
CA GLN G 22 -3.58 18.72 13.34
C GLN G 22 -2.61 17.53 13.31
N GLY G 23 -2.53 16.91 12.15
CA GLY G 23 -1.97 15.57 12.00
C GLY G 23 -3.11 14.57 11.83
N ASN G 24 -3.09 13.51 12.65
CA ASN G 24 -4.11 12.47 12.59
C ASN G 24 -3.97 11.50 13.77
N VAL G 25 -4.84 11.66 14.76
CA VAL G 25 -4.85 10.77 15.92
C VAL G 25 -6.29 10.50 16.37
N VAL G 26 -7.00 9.69 15.58
CA VAL G 26 -8.34 9.25 15.97
C VAL G 26 -8.17 8.08 16.92
N THR G 27 -8.48 8.30 18.20
CA THR G 27 -8.21 7.30 19.23
C THR G 27 -9.48 6.68 19.79
N PHE G 28 -9.94 5.62 19.14
CA PHE G 28 -11.10 4.86 19.60
C PHE G 28 -10.74 4.08 20.87
N THR G 29 -11.69 4.08 21.81
CA THR G 29 -11.55 3.34 23.06
C THR G 29 -12.89 2.68 23.38
N GLY G 30 -12.91 1.87 24.42
CA GLY G 30 -14.11 1.16 24.79
C GLY G 30 -14.08 -0.25 24.25
N ASN G 31 -14.97 -0.55 23.31
CA ASN G 31 -15.10 -1.91 22.82
C ASN G 31 -15.10 -2.05 21.32
N VAL G 32 -13.92 -1.84 20.74
CA VAL G 32 -13.76 -1.75 19.29
C VAL G 32 -14.00 -3.06 18.57
N ILE G 33 -14.72 -2.99 17.45
CA ILE G 33 -14.86 -4.11 16.54
C ILE G 33 -14.60 -3.61 15.12
N VAL G 34 -13.33 -3.36 14.80
CA VAL G 34 -12.93 -2.98 13.44
C VAL G 34 -13.17 -4.15 12.50
N THR G 35 -13.92 -3.90 11.44
CA THR G 35 -14.21 -4.94 10.45
C THR G 35 -14.00 -4.40 9.05
N GLN G 36 -13.81 -5.31 8.10
CA GLN G 36 -13.61 -4.99 6.69
C GLN G 36 -13.82 -6.26 5.88
N GLY G 37 -14.89 -6.29 5.09
CA GLY G 37 -15.31 -7.53 4.46
C GLY G 37 -15.53 -8.57 5.55
N THR G 38 -14.97 -9.75 5.35
CA THR G 38 -15.10 -10.82 6.35
C THR G 38 -14.24 -10.56 7.57
N ILE G 39 -13.13 -9.85 7.38
CA ILE G 39 -12.19 -9.52 8.46
C ILE G 39 -12.89 -8.92 9.68
N LYS G 40 -12.40 -9.28 10.87
CA LYS G 40 -12.93 -8.76 12.12
C LYS G 40 -11.86 -8.81 13.20
N ILE G 41 -11.49 -7.63 13.72
CA ILE G 41 -10.52 -7.49 14.81
C ILE G 41 -11.18 -6.94 16.07
N ASN G 42 -11.00 -7.63 17.20
CA ASN G 42 -11.62 -7.23 18.47
C ASN G 42 -10.59 -6.74 19.48
N ALA G 43 -10.80 -5.53 20.03
CA ALA G 43 -9.85 -4.93 20.98
C ALA G 43 -10.47 -3.82 21.85
N ASP G 44 -9.66 -3.26 22.73
CA ASP G 44 -10.06 -2.15 23.59
C ASP G 44 -9.71 -0.82 22.95
N LYS G 45 -8.45 -0.41 23.09
CA LYS G 45 -7.97 0.82 22.46
C LYS G 45 -7.67 0.57 20.99
N VAL G 46 -7.88 1.61 20.18
CA VAL G 46 -7.50 1.61 18.77
C VAL G 46 -6.95 2.99 18.38
N VAL G 47 -5.81 3.01 17.70
CA VAL G 47 -5.15 4.24 17.28
C VAL G 47 -4.91 4.21 15.76
N VAL G 48 -5.87 4.77 15.02
CA VAL G 48 -5.72 4.93 13.58
C VAL G 48 -5.01 6.24 13.28
N THR G 49 -3.84 6.14 12.64
CA THR G 49 -3.06 7.32 12.25
C THR G 49 -2.94 7.40 10.73
N ARG G 50 -2.65 8.60 10.23
CA ARG G 50 -2.52 8.86 8.80
C ARG G 50 -1.36 9.82 8.59
N PRO G 51 -0.16 9.28 8.27
CA PRO G 51 1.01 10.14 7.99
C PRO G 51 0.90 10.91 6.66
N GLY G 52 0.02 10.46 5.76
CA GLY G 52 -0.24 11.15 4.50
C GLY G 52 -1.62 11.78 4.45
N GLY G 53 -2.45 11.32 3.51
CA GLY G 53 -3.81 11.84 3.33
C GLY G 53 -4.60 11.05 2.32
N LYS G 57 -3.77 5.67 3.24
CA LYS G 57 -2.53 5.62 4.01
C LYS G 57 -2.79 5.57 5.52
N GLU G 58 -3.87 4.90 5.91
CA GLU G 58 -4.29 4.74 7.30
C GLU G 58 -3.54 3.60 7.97
N VAL G 59 -3.25 3.74 9.26
CA VAL G 59 -2.50 2.73 10.00
C VAL G 59 -3.21 2.38 11.31
N ILE G 60 -4.05 1.35 11.25
CA ILE G 60 -4.85 0.90 12.39
C ILE G 60 -4.02 0.14 13.42
N ASP G 61 -3.98 0.65 14.65
CA ASP G 61 -3.24 0.01 15.73
C ASP G 61 -4.14 -0.38 16.91
N GLY G 62 -4.74 -1.56 16.81
CA GLY G 62 -5.55 -2.09 17.90
C GLY G 62 -4.73 -2.64 19.05
N TYR G 63 -5.24 -2.45 20.27
CA TYR G 63 -4.62 -2.96 21.48
C TYR G 63 -5.63 -3.75 22.30
N GLY G 64 -5.26 -4.97 22.69
CA GLY G 64 -6.15 -5.83 23.47
C GLY G 64 -5.40 -6.86 24.29
N LYS G 65 -6.10 -7.51 25.22
CA LYS G 65 -5.49 -8.53 26.07
C LYS G 65 -6.36 -9.79 26.17
N PRO G 66 -6.42 -10.58 25.08
CA PRO G 66 -5.73 -10.40 23.81
C PRO G 66 -6.60 -9.77 22.71
N ALA G 67 -5.99 -8.91 21.89
CA ALA G 67 -6.61 -8.45 20.66
C ALA G 67 -6.73 -9.66 19.75
N THR G 68 -7.90 -9.85 19.17
CA THR G 68 -8.17 -11.07 18.41
C THR G 68 -8.38 -10.78 16.93
N PHE G 69 -7.74 -11.56 16.07
CA PHE G 69 -7.89 -11.45 14.63
C PHE G 69 -8.82 -12.53 14.11
N TYR G 70 -9.66 -12.16 13.14
CA TYR G 70 -10.52 -13.13 12.47
C TYR G 70 -10.71 -12.78 11.02
N GLN G 71 -10.54 -13.77 10.15
CA GLN G 71 -10.89 -13.65 8.75
C GLN G 71 -11.31 -14.97 8.14
N MET G 72 -12.45 -14.96 7.46
CA MET G 72 -12.90 -16.09 6.66
C MET G 72 -12.06 -16.19 5.39
N GLN G 73 -11.97 -17.40 4.82
CA GLN G 73 -11.20 -17.62 3.60
C GLN G 73 -11.99 -18.25 2.47
N ASP G 74 -11.50 -18.04 1.25
CA ASP G 74 -12.14 -18.51 0.01
C ASP G 74 -12.47 -20.01 0.02
N ASN G 75 -11.73 -20.76 0.83
CA ASN G 75 -11.96 -22.18 0.98
C ASN G 75 -12.98 -22.47 2.08
N GLY G 76 -13.82 -21.48 2.39
CA GLY G 76 -14.89 -21.63 3.37
C GLY G 76 -14.44 -21.94 4.79
N LYS G 77 -13.14 -22.18 4.95
CA LYS G 77 -12.55 -22.41 6.27
C LYS G 77 -11.91 -21.13 6.80
N PRO G 78 -12.28 -20.72 8.02
CA PRO G 78 -11.87 -19.43 8.60
C PRO G 78 -10.40 -19.40 9.05
N VAL G 79 -10.00 -18.27 9.60
CA VAL G 79 -8.66 -18.08 10.15
C VAL G 79 -8.75 -17.25 11.41
N GLU G 80 -8.42 -17.85 12.54
CA GLU G 80 -8.42 -17.15 13.81
C GLU G 80 -7.00 -16.70 14.16
N GLY G 81 -6.84 -16.13 15.35
CA GLY G 81 -5.56 -15.61 15.81
C GLY G 81 -5.77 -14.55 16.87
N HIS G 82 -4.72 -14.25 17.63
CA HIS G 82 -4.76 -13.21 18.65
C HIS G 82 -3.37 -12.80 19.10
N ALA G 83 -3.26 -11.56 19.58
CA ALA G 83 -1.99 -11.02 20.06
C ALA G 83 -2.23 -9.86 21.01
N SER G 84 -1.13 -9.24 21.46
CA SER G 84 -1.20 -8.05 22.31
C SER G 84 -1.52 -6.80 21.50
N GLN G 85 -1.12 -6.80 20.23
CA GLN G 85 -1.27 -5.63 19.36
C GLN G 85 -1.48 -5.96 17.88
N MET G 86 -2.59 -5.46 17.31
CA MET G 86 -2.81 -5.49 15.87
C MET G 86 -2.28 -4.22 15.21
N HIS G 87 -1.64 -4.40 14.07
CA HIS G 87 -1.06 -3.30 13.34
C HIS G 87 -1.41 -3.55 11.88
N TYR G 88 -2.56 -3.02 11.50
CA TYR G 88 -3.08 -3.18 10.15
C TYR G 88 -2.78 -1.92 9.33
N GLU G 89 -1.73 -2.00 8.50
CA GLU G 89 -1.41 -0.97 7.52
C GLU G 89 -2.27 -1.22 6.29
N LEU G 90 -3.20 -0.29 6.04
CA LEU G 90 -4.20 -0.44 4.99
C LEU G 90 -3.62 -0.25 3.61
N ALA G 91 -2.52 0.50 3.53
CA ALA G 91 -1.88 0.77 2.24
C ALA G 91 -1.29 -0.50 1.66
N LYS G 92 -0.49 -1.19 2.47
CA LYS G 92 0.24 -2.39 2.06
C LYS G 92 -0.59 -3.67 2.11
N ASP G 93 -1.72 -3.61 2.82
CA ASP G 93 -2.58 -4.77 3.18
C ASP G 93 -1.92 -5.62 4.25
N PHE G 94 -1.10 -4.98 5.07
CA PHE G 94 -0.19 -5.65 5.99
C PHE G 94 -0.77 -5.71 7.39
N VAL G 95 -0.90 -6.93 7.92
CA VAL G 95 -1.32 -7.12 9.31
C VAL G 95 -0.16 -7.67 10.13
N VAL G 96 0.17 -6.98 11.22
CA VAL G 96 1.30 -7.39 12.04
C VAL G 96 0.89 -7.58 13.50
N LEU G 97 0.95 -8.83 13.96
CA LEU G 97 0.66 -9.17 15.35
C LEU G 97 1.95 -9.11 16.15
N THR G 98 1.81 -8.79 17.44
CA THR G 98 2.97 -8.64 18.33
C THR G 98 2.56 -8.85 19.77
N GLY G 99 3.48 -9.39 20.56
CA GLY G 99 3.24 -9.77 21.95
C GLY G 99 2.40 -11.03 22.03
N ASN G 100 3.04 -12.15 22.35
CA ASN G 100 2.36 -13.45 22.44
C ASN G 100 1.41 -13.69 21.26
N ALA G 101 1.97 -13.64 20.06
CA ALA G 101 1.20 -13.74 18.84
C ALA G 101 0.96 -15.18 18.43
N TYR G 102 -0.31 -15.48 18.13
CA TYR G 102 -0.72 -16.81 17.72
C TYR G 102 -1.76 -16.70 16.61
N LEU G 103 -1.57 -17.46 15.54
CA LEU G 103 -2.57 -17.55 14.49
C LEU G 103 -3.02 -18.99 14.36
N GLN G 104 -3.92 -19.26 13.41
CA GLN G 104 -4.56 -20.57 13.30
C GLN G 104 -5.22 -20.79 11.95
N GLN G 105 -5.15 -22.01 11.45
CA GLN G 105 -5.77 -22.39 10.18
C GLN G 105 -6.50 -23.71 10.35
N VAL G 106 -7.07 -24.22 9.27
CA VAL G 106 -7.72 -25.53 9.28
C VAL G 106 -6.67 -26.64 9.37
N ASP G 107 -5.48 -26.35 8.85
CA ASP G 107 -4.43 -27.34 8.68
C ASP G 107 -3.18 -27.06 9.53
N SER G 108 -2.98 -25.80 9.91
CA SER G 108 -1.72 -25.37 10.50
C SER G 108 -1.87 -24.18 11.46
N ASN G 109 -1.07 -24.14 12.52
CA ASN G 109 -1.11 -23.00 13.43
C ASN G 109 0.24 -22.52 13.94
N ILE G 110 0.42 -21.21 13.91
CA ILE G 110 1.69 -20.59 14.28
C ILE G 110 1.56 -19.85 15.61
N LYS G 111 2.62 -19.94 16.40
CA LYS G 111 2.75 -19.17 17.62
C LYS G 111 4.14 -18.57 17.66
N GLY G 112 4.26 -17.38 18.24
CA GLY G 112 5.53 -16.70 18.33
C GLY G 112 5.43 -15.29 18.82
N ASP G 113 6.42 -14.48 18.45
CA ASP G 113 6.50 -13.11 18.91
C ASP G 113 5.86 -12.13 17.94
N LYS G 114 6.44 -11.97 16.76
CA LYS G 114 5.89 -11.08 15.76
C LYS G 114 5.42 -11.86 14.53
N ILE G 115 4.13 -12.18 14.49
CA ILE G 115 3.52 -12.77 13.30
C ILE G 115 3.08 -11.67 12.34
N THR G 116 3.35 -11.87 11.06
CA THR G 116 2.99 -10.90 10.04
C THR G 116 2.20 -11.55 8.91
N TYR G 117 0.97 -11.07 8.71
CA TYR G 117 0.06 -11.58 7.68
C TYR G 117 -0.06 -10.55 6.56
N LEU G 118 0.18 -11.00 5.32
CA LEU G 118 0.06 -10.17 4.13
C LEU G 118 -1.18 -10.62 3.36
N VAL G 119 -2.31 -9.97 3.65
CA VAL G 119 -3.63 -10.48 3.34
C VAL G 119 -3.97 -10.72 1.87
N LYS G 120 -3.57 -9.81 0.99
CA LYS G 120 -3.92 -9.91 -0.42
C LYS G 120 -3.27 -11.13 -1.09
N GLU G 121 -2.02 -11.43 -0.70
CA GLU G 121 -1.33 -12.66 -1.13
C GLU G 121 -1.71 -13.88 -0.29
N GLN G 122 -2.06 -13.63 0.98
CA GLN G 122 -2.18 -14.68 2.01
C GLN G 122 -0.82 -15.22 2.44
N LYS G 123 0.23 -14.42 2.24
CA LYS G 123 1.57 -14.78 2.68
C LYS G 123 1.77 -14.48 4.17
N MET G 124 2.43 -15.40 4.88
CA MET G 124 2.67 -15.22 6.30
C MET G 124 4.15 -15.32 6.71
N GLN G 125 4.50 -14.62 7.79
CA GLN G 125 5.82 -14.71 8.40
C GLN G 125 5.69 -14.66 9.92
N ALA G 126 6.75 -15.05 10.62
CA ALA G 126 6.77 -15.07 12.09
C ALA G 126 8.20 -15.08 12.62
N PHE G 127 8.50 -14.15 13.50
CA PHE G 127 9.84 -14.02 14.06
C PHE G 127 9.80 -14.06 15.57
N SER G 128 10.92 -14.47 16.17
CA SER G 128 11.06 -14.48 17.62
C SER G 128 12.20 -13.59 18.04
N ASP G 129 12.06 -12.96 19.20
CA ASP G 129 13.11 -12.08 19.74
C ASP G 129 14.30 -12.89 20.21
N LYS G 130 15.46 -12.24 20.33
CA LYS G 130 16.66 -12.86 20.87
C LYS G 130 16.32 -13.60 22.18
N GLY G 131 16.34 -14.93 22.11
CA GLY G 131 15.96 -15.77 23.24
C GLY G 131 14.84 -16.71 22.85
N LYS G 132 13.66 -16.14 22.62
CA LYS G 132 12.43 -16.92 22.33
C LYS G 132 12.51 -17.73 21.02
N ARG G 133 11.50 -18.58 20.80
CA ARG G 133 11.45 -19.44 19.61
C ARG G 133 10.05 -19.52 18.95
N VAL G 134 10.04 -19.81 17.65
CA VAL G 134 8.79 -19.91 16.89
C VAL G 134 8.31 -21.36 16.73
N THR G 135 7.28 -21.71 17.49
CA THR G 135 6.65 -23.02 17.42
C THR G 135 5.64 -23.03 16.28
N THR G 136 5.63 -24.12 15.50
CA THR G 136 4.69 -24.27 14.40
C THR G 136 4.24 -25.71 14.32
N VAL G 137 2.95 -25.93 14.03
CA VAL G 137 2.44 -27.29 13.92
C VAL G 137 1.57 -27.49 12.68
N LEU G 138 1.61 -28.69 12.11
CA LEU G 138 0.90 -28.98 10.86
C LEU G 138 -0.02 -30.20 10.94
N VAL G 139 -1.28 -29.95 11.33
CA VAL G 139 -2.29 -31.01 11.41
C VAL G 139 -2.61 -31.63 10.04
N VAL H 2 8.30 -45.12 14.28
CA VAL H 2 7.46 -46.34 14.16
C VAL H 2 6.46 -46.21 13.00
N THR H 3 5.53 -47.15 12.88
CA THR H 3 4.45 -47.06 11.89
C THR H 3 3.37 -46.11 12.40
N GLY H 4 2.99 -45.16 11.55
CA GLY H 4 2.02 -44.12 11.92
C GLY H 4 2.66 -42.76 12.14
N ASP H 5 4.00 -42.76 12.23
CA ASP H 5 4.78 -41.53 12.37
C ASP H 5 4.44 -40.46 11.35
N THR H 6 4.19 -40.87 10.11
CA THR H 6 3.88 -39.93 9.04
C THR H 6 2.41 -39.55 9.04
N ASP H 7 1.60 -40.30 9.78
CA ASP H 7 0.21 -39.91 10.05
C ASP H 7 0.14 -38.88 11.20
N GLN H 8 1.28 -38.58 11.79
CA GLN H 8 1.36 -37.66 12.92
C GLN H 8 1.55 -36.20 12.48
N PRO H 9 1.08 -35.25 13.31
CA PRO H 9 1.28 -33.84 13.02
C PRO H 9 2.73 -33.42 13.19
N ILE H 10 3.21 -32.53 12.33
CA ILE H 10 4.58 -32.04 12.42
C ILE H 10 4.66 -30.84 13.37
N HIS H 11 5.66 -30.86 14.23
CA HIS H 11 5.99 -29.73 15.10
C HIS H 11 7.36 -29.23 14.68
N ILE H 12 7.38 -28.02 14.13
CA ILE H 12 8.63 -27.42 13.68
C ILE H 12 8.92 -26.17 14.50
N GLU H 13 9.96 -26.26 15.31
CA GLU H 13 10.36 -25.16 16.16
C GLU H 13 11.60 -24.52 15.58
N SER H 14 11.49 -23.24 15.20
CA SER H 14 12.61 -22.52 14.59
C SER H 14 12.77 -21.10 15.14
N ASP H 15 13.44 -20.25 14.38
CA ASP H 15 13.68 -18.86 14.76
C ASP H 15 13.10 -17.85 13.76
N GLN H 16 12.85 -18.32 12.54
CA GLN H 16 12.34 -17.48 11.48
C GLN H 16 11.53 -18.32 10.50
N GLN H 17 10.22 -18.39 10.72
CA GLN H 17 9.35 -19.14 9.80
C GLN H 17 8.63 -18.24 8.81
N SER H 18 8.17 -18.83 7.71
CA SER H 18 7.44 -18.12 6.68
C SER H 18 6.57 -19.07 5.88
N LEU H 19 5.29 -18.75 5.80
CA LEU H 19 4.31 -19.58 5.13
C LEU H 19 3.89 -18.95 3.81
N ASP H 20 3.39 -19.78 2.89
CA ASP H 20 2.91 -19.31 1.60
C ASP H 20 1.72 -20.18 1.19
N MET H 21 0.53 -19.75 1.59
CA MET H 21 -0.68 -20.56 1.45
C MET H 21 -0.96 -21.02 0.02
N GLN H 22 -0.71 -20.14 -0.94
CA GLN H 22 -1.06 -20.39 -2.34
C GLN H 22 -0.47 -21.70 -2.85
N GLY H 23 0.86 -21.76 -2.95
CA GLY H 23 1.55 -22.94 -3.45
C GLY H 23 1.61 -24.10 -2.48
N ASN H 24 1.71 -23.77 -1.18
CA ASN H 24 1.96 -24.71 -0.08
C ASN H 24 3.46 -24.92 0.15
N VAL H 25 4.07 -23.94 0.80
CA VAL H 25 5.52 -23.87 0.98
C VAL H 25 5.82 -23.29 2.36
N VAL H 26 6.01 -24.17 3.34
CA VAL H 26 6.37 -23.71 4.68
C VAL H 26 7.88 -23.69 4.79
N THR H 27 8.44 -22.61 5.31
CA THR H 27 9.89 -22.40 5.27
C THR H 27 10.44 -21.84 6.58
N PHE H 28 11.19 -22.68 7.29
CA PHE H 28 11.76 -22.33 8.58
C PHE H 28 13.27 -22.22 8.48
N THR H 29 13.83 -21.30 9.24
CA THR H 29 15.29 -21.15 9.34
C THR H 29 15.71 -20.87 10.78
N GLY H 30 17.00 -21.05 11.06
CA GLY H 30 17.56 -20.70 12.36
C GLY H 30 17.28 -21.71 13.45
N ASN H 31 18.24 -22.61 13.68
CA ASN H 31 18.19 -23.65 14.72
C ASN H 31 16.88 -24.43 14.78
N VAL H 32 16.51 -25.01 13.64
CA VAL H 32 15.24 -25.69 13.45
C VAL H 32 15.22 -27.09 14.04
N ILE H 33 14.06 -27.50 14.58
CA ILE H 33 13.91 -28.79 15.24
C ILE H 33 12.60 -29.43 14.80
N VAL H 34 12.59 -29.96 13.58
CA VAL H 34 11.37 -30.62 13.05
C VAL H 34 11.17 -32.04 13.59
N THR H 35 10.08 -32.23 14.33
CA THR H 35 9.80 -33.50 15.00
C THR H 35 8.38 -33.99 14.73
N GLN H 36 8.26 -35.07 13.96
CA GLN H 36 6.97 -35.65 13.63
C GLN H 36 6.89 -37.09 14.14
N GLY H 37 6.00 -37.33 15.10
CA GLY H 37 5.97 -38.62 15.80
C GLY H 37 7.32 -38.81 16.46
N THR H 38 7.99 -39.93 16.12
CA THR H 38 9.33 -40.20 16.65
C THR H 38 10.44 -39.70 15.74
N ILE H 39 10.08 -39.21 14.55
CA ILE H 39 11.02 -38.60 13.64
C ILE H 39 11.58 -37.31 14.26
N LYS H 40 12.87 -37.04 14.02
CA LYS H 40 13.51 -35.84 14.54
C LYS H 40 14.63 -35.36 13.61
N ILE H 41 14.32 -34.38 12.78
CA ILE H 41 15.31 -33.74 11.90
C ILE H 41 15.78 -32.42 12.51
N ASN H 42 17.10 -32.21 12.52
CA ASN H 42 17.65 -30.91 12.85
C ASN H 42 18.36 -30.34 11.64
N ALA H 43 18.13 -29.06 11.38
CA ALA H 43 18.77 -28.37 10.26
C ALA H 43 18.86 -26.87 10.51
N ASP H 44 19.63 -26.18 9.68
CA ASP H 44 19.69 -24.73 9.69
C ASP H 44 18.50 -24.14 8.94
N LYS H 45 18.23 -24.67 7.75
CA LYS H 45 17.10 -24.26 6.94
C LYS H 45 16.25 -25.46 6.54
N VAL H 46 14.93 -25.32 6.67
CA VAL H 46 14.00 -26.37 6.28
C VAL H 46 12.87 -25.77 5.46
N VAL H 47 12.58 -26.38 4.31
CA VAL H 47 11.35 -26.09 3.58
C VAL H 47 10.53 -27.36 3.57
N VAL H 48 9.22 -27.20 3.40
CA VAL H 48 8.31 -28.34 3.28
C VAL H 48 7.20 -27.98 2.31
N THR H 49 6.88 -28.91 1.43
CA THR H 49 5.84 -28.72 0.41
C THR H 49 4.86 -29.92 0.39
N ARG H 50 3.60 -29.62 0.06
CA ARG H 50 2.53 -30.64 0.07
C ARG H 50 1.95 -30.86 -1.33
N LYS H 57 1.51 -36.29 -0.19
CA LYS H 57 2.41 -35.49 -1.02
C LYS H 57 3.42 -34.68 -0.19
N GLU H 58 3.44 -34.91 1.13
CA GLU H 58 4.30 -34.17 2.06
C GLU H 58 5.80 -34.39 1.82
N VAL H 59 6.53 -33.29 1.61
CA VAL H 59 7.95 -33.36 1.28
C VAL H 59 8.80 -32.41 2.12
N ILE H 60 9.51 -32.96 3.10
CA ILE H 60 10.45 -32.18 3.92
C ILE H 60 11.78 -32.04 3.19
N ASP H 61 12.56 -31.03 3.57
CA ASP H 61 13.79 -30.71 2.89
C ASP H 61 14.77 -30.01 3.82
N GLY H 62 15.68 -30.79 4.40
CA GLY H 62 16.60 -30.29 5.42
C GLY H 62 17.95 -29.87 4.88
N TYR H 63 18.42 -28.72 5.35
CA TYR H 63 19.68 -28.16 4.92
C TYR H 63 20.47 -27.73 6.14
N GLY H 64 21.67 -28.28 6.27
CA GLY H 64 22.52 -27.96 7.41
C GLY H 64 23.90 -28.59 7.34
N LYS H 65 24.82 -28.02 8.12
CA LYS H 65 26.18 -28.53 8.22
C LYS H 65 26.55 -28.74 9.70
N PRO H 66 26.26 -29.94 10.24
CA PRO H 66 25.52 -31.01 9.56
C PRO H 66 24.02 -31.01 9.85
N ALA H 67 23.25 -31.62 8.95
CA ALA H 67 21.82 -31.78 9.12
C ALA H 67 21.50 -33.19 9.62
N THR H 68 21.00 -33.29 10.84
CA THR H 68 20.76 -34.58 11.46
C THR H 68 19.40 -35.16 11.08
N PHE H 69 19.28 -36.47 11.26
CA PHE H 69 18.01 -37.17 11.12
C PHE H 69 17.95 -38.32 12.12
N TYR H 70 16.76 -38.53 12.66
CA TYR H 70 16.52 -39.60 13.61
C TYR H 70 15.09 -40.09 13.49
N GLN H 71 14.93 -41.41 13.42
CA GLN H 71 13.62 -42.03 13.57
C GLN H 71 13.79 -43.36 14.30
N MET H 72 12.79 -43.71 15.11
CA MET H 72 12.73 -45.03 15.69
C MET H 72 11.94 -45.93 14.75
N GLN H 73 12.62 -46.98 14.25
CA GLN H 73 11.96 -48.03 13.49
C GLN H 73 11.24 -48.96 14.46
N ASP H 74 10.22 -49.67 13.97
CA ASP H 74 9.32 -50.46 14.79
C ASP H 74 10.01 -51.56 15.60
N ASN H 75 10.99 -52.22 14.98
CA ASN H 75 11.71 -53.34 15.61
C ASN H 75 12.53 -52.95 16.84
N GLY H 76 12.65 -51.65 17.10
CA GLY H 76 13.41 -51.16 18.24
C GLY H 76 14.76 -50.63 17.83
N LYS H 77 15.12 -50.87 16.58
CA LYS H 77 16.35 -50.33 16.00
C LYS H 77 16.14 -48.87 15.59
N PRO H 78 16.78 -47.93 16.30
CA PRO H 78 16.66 -46.53 15.95
C PRO H 78 17.61 -46.15 14.83
N VAL H 79 17.07 -45.62 13.74
CA VAL H 79 17.91 -45.16 12.63
C VAL H 79 18.38 -43.72 12.83
N GLU H 80 19.68 -43.57 13.10
CA GLU H 80 20.33 -42.28 13.11
C GLU H 80 21.03 -42.07 11.77
N GLY H 81 21.39 -40.84 11.46
CA GLY H 81 22.06 -40.53 10.20
C GLY H 81 21.99 -39.08 9.80
N HIS H 82 23.14 -38.43 9.73
CA HIS H 82 23.22 -37.02 9.35
C HIS H 82 23.81 -36.84 7.95
N ALA H 83 23.71 -35.61 7.43
CA ALA H 83 24.25 -35.27 6.10
C ALA H 83 24.26 -33.75 5.88
N SER H 84 24.41 -33.34 4.62
CA SER H 84 24.33 -31.94 4.23
C SER H 84 22.96 -31.61 3.65
N GLN H 85 22.18 -32.65 3.32
CA GLN H 85 20.86 -32.46 2.74
C GLN H 85 19.92 -33.60 3.12
N MET H 86 19.11 -33.38 4.14
CA MET H 86 18.01 -34.28 4.48
C MET H 86 16.89 -34.06 3.48
N HIS H 87 16.17 -35.13 3.15
CA HIS H 87 15.10 -35.06 2.17
C HIS H 87 14.07 -36.13 2.48
N TYR H 88 13.03 -35.74 3.21
CA TYR H 88 12.04 -36.71 3.63
C TYR H 88 10.78 -36.68 2.79
N GLU H 89 10.53 -37.78 2.08
CA GLU H 89 9.29 -37.97 1.35
C GLU H 89 8.44 -38.93 2.17
N LEU H 90 7.49 -38.37 2.90
CA LEU H 90 6.68 -39.11 3.89
C LEU H 90 5.77 -40.16 3.25
N ALA H 91 5.30 -39.86 2.05
CA ALA H 91 4.30 -40.70 1.36
C ALA H 91 4.85 -42.07 0.99
N LYS H 92 6.15 -42.13 0.68
CA LYS H 92 6.82 -43.36 0.30
C LYS H 92 7.80 -43.85 1.37
N ASP H 93 7.97 -43.04 2.42
CA ASP H 93 8.96 -43.30 3.49
C ASP H 93 10.38 -43.27 2.96
N PHE H 94 10.61 -42.41 1.98
CA PHE H 94 11.88 -42.30 1.29
C PHE H 94 12.76 -41.31 2.04
N VAL H 95 14.06 -41.58 2.06
CA VAL H 95 15.04 -40.64 2.59
C VAL H 95 16.18 -40.55 1.59
N VAL H 96 16.79 -39.36 1.49
CA VAL H 96 17.94 -39.16 0.60
C VAL H 96 18.95 -38.26 1.29
N LEU H 97 19.94 -38.87 1.93
CA LEU H 97 21.01 -38.11 2.54
C LEU H 97 21.99 -37.70 1.46
N THR H 98 22.34 -36.41 1.45
CA THR H 98 23.27 -35.89 0.45
C THR H 98 24.31 -35.01 1.15
N GLY H 99 25.56 -35.12 0.70
CA GLY H 99 26.67 -34.42 1.32
C GLY H 99 27.55 -35.39 2.08
N ASN H 100 28.14 -34.92 3.18
CA ASN H 100 28.99 -35.75 4.02
C ASN H 100 28.16 -36.74 4.83
N ALA H 101 27.41 -37.56 4.11
CA ALA H 101 26.35 -38.41 4.65
C ALA H 101 26.86 -39.65 5.39
N TYR H 102 26.28 -39.89 6.57
CA TYR H 102 26.59 -41.06 7.38
C TYR H 102 25.36 -41.58 8.12
N LEU H 103 24.77 -42.64 7.58
CA LEU H 103 23.66 -43.31 8.23
C LEU H 103 24.18 -44.36 9.20
N GLN H 104 23.68 -44.32 10.43
CA GLN H 104 24.06 -45.30 11.44
C GLN H 104 22.92 -46.26 11.72
N GLN H 105 23.25 -47.37 12.36
CA GLN H 105 22.27 -48.35 12.78
C GLN H 105 22.64 -48.82 14.20
N VAL H 106 21.99 -49.89 14.66
CA VAL H 106 22.43 -50.59 15.85
C VAL H 106 23.80 -51.25 15.59
N ASP H 107 24.07 -51.52 14.31
CA ASP H 107 25.24 -52.29 13.88
C ASP H 107 25.81 -51.82 12.53
N SER H 108 24.93 -51.64 11.55
CA SER H 108 25.36 -51.44 10.17
C SER H 108 25.63 -49.98 9.79
N ASN H 109 26.59 -49.35 10.46
CA ASN H 109 26.95 -47.97 10.10
C ASN H 109 27.61 -47.89 8.73
N ILE H 110 27.32 -46.82 7.99
CA ILE H 110 27.90 -46.59 6.66
C ILE H 110 28.07 -45.10 6.35
N LYS H 111 29.33 -44.64 6.36
CA LYS H 111 29.65 -43.27 5.95
C LYS H 111 29.89 -43.24 4.45
N GLY H 112 29.57 -42.11 3.81
CA GLY H 112 29.67 -41.99 2.35
C GLY H 112 29.40 -40.60 1.80
N ASP H 113 28.72 -40.56 0.66
CA ASP H 113 28.43 -39.30 -0.03
C ASP H 113 26.94 -39.11 -0.35
N LYS H 114 26.30 -40.18 -0.81
CA LYS H 114 24.85 -40.18 -1.01
C LYS H 114 24.24 -41.48 -0.51
N ILE H 115 23.31 -41.37 0.45
CA ILE H 115 22.66 -42.54 1.05
C ILE H 115 21.15 -42.45 0.88
N THR H 116 20.54 -43.51 0.34
CA THR H 116 19.09 -43.55 0.16
C THR H 116 18.44 -44.70 0.94
N TYR H 117 17.90 -44.37 2.11
CA TYR H 117 17.30 -45.34 3.01
C TYR H 117 15.79 -45.41 2.83
N LEU H 118 15.28 -46.64 2.76
CA LEU H 118 13.85 -46.88 2.73
C LEU H 118 13.45 -47.31 4.13
N VAL H 119 12.35 -46.77 4.63
CA VAL H 119 11.90 -47.10 5.97
C VAL H 119 10.95 -48.29 6.00
N LYS H 120 9.92 -48.24 5.16
CA LYS H 120 8.87 -49.28 5.15
C LYS H 120 9.34 -50.62 4.59
N GLU H 121 10.49 -50.62 3.90
CA GLU H 121 11.06 -51.83 3.33
C GLU H 121 12.23 -52.36 4.17
N GLN H 122 12.99 -51.43 4.76
CA GLN H 122 14.24 -51.72 5.48
C GLN H 122 15.41 -51.98 4.53
N LYS H 123 15.61 -51.07 3.58
CA LYS H 123 16.71 -51.16 2.64
C LYS H 123 17.54 -49.88 2.64
N MET H 124 18.87 -50.02 2.52
CA MET H 124 19.76 -48.87 2.43
C MET H 124 20.60 -48.94 1.16
N GLN H 125 21.11 -47.78 0.72
CA GLN H 125 21.97 -47.68 -0.45
C GLN H 125 23.02 -46.64 -0.16
N ALA H 126 24.16 -46.73 -0.84
CA ALA H 126 25.19 -45.70 -0.72
C ALA H 126 25.90 -45.47 -2.03
N PHE H 127 26.38 -44.24 -2.21
CA PHE H 127 27.10 -43.83 -3.41
C PHE H 127 28.20 -42.84 -3.03
N SER H 128 29.29 -42.89 -3.78
CA SER H 128 30.41 -41.96 -3.59
C SER H 128 30.75 -41.25 -4.89
N ASP H 129 31.33 -40.06 -4.77
CA ASP H 129 31.81 -39.30 -5.92
C ASP H 129 32.93 -40.05 -6.64
N LYS H 130 32.95 -39.97 -7.97
CA LYS H 130 34.00 -40.60 -8.79
C LYS H 130 35.39 -40.03 -8.44
N GLY H 131 36.01 -40.65 -7.44
CA GLY H 131 37.25 -40.14 -6.84
C GLY H 131 37.24 -40.39 -5.35
N LYS H 132 36.04 -40.43 -4.77
CA LYS H 132 35.83 -40.73 -3.35
C LYS H 132 35.24 -42.15 -3.16
N ARG H 133 35.18 -42.62 -1.90
CA ARG H 133 34.76 -44.00 -1.60
C ARG H 133 33.85 -44.12 -0.37
N VAL H 134 33.06 -45.19 -0.32
CA VAL H 134 32.18 -45.53 0.81
C VAL H 134 33.00 -46.07 2.00
N THR H 135 32.42 -46.06 3.20
CA THR H 135 33.10 -46.54 4.41
C THR H 135 32.13 -47.23 5.37
N THR H 136 32.56 -48.37 5.92
CA THR H 136 31.77 -49.16 6.86
C THR H 136 32.64 -49.63 8.02
N VAL H 137 32.05 -49.74 9.20
CA VAL H 137 32.64 -50.45 10.33
C VAL H 137 31.65 -51.52 10.80
N LEU H 138 32.15 -52.72 11.06
CA LEU H 138 31.31 -53.81 11.56
C LEU H 138 31.78 -54.29 12.94
#